data_1TPM
# 
_entry.id   1TPM 
# 
_audit_conform.dict_name       mmcif_pdbx.dic 
_audit_conform.dict_version    5.399 
_audit_conform.dict_location   http://mmcif.pdb.org/dictionaries/ascii/mmcif_pdbx.dic 
# 
loop_
_database_2.database_id 
_database_2.database_code 
_database_2.pdbx_database_accession 
_database_2.pdbx_DOI 
PDB   1TPM         pdb_00001tpm 10.2210/pdb1tpm/pdb 
WWPDB D_1000176787 ?            ?                   
# 
loop_
_pdbx_audit_revision_history.ordinal 
_pdbx_audit_revision_history.data_content_type 
_pdbx_audit_revision_history.major_revision 
_pdbx_audit_revision_history.minor_revision 
_pdbx_audit_revision_history.revision_date 
1 'Structure model' 1 0 1994-01-31 
2 'Structure model' 1 1 2008-03-24 
3 'Structure model' 1 2 2011-07-13 
4 'Structure model' 1 3 2017-11-29 
5 'Structure model' 1 4 2024-11-20 
# 
_pdbx_audit_revision_details.ordinal             1 
_pdbx_audit_revision_details.revision_ordinal    1 
_pdbx_audit_revision_details.data_content_type   'Structure model' 
_pdbx_audit_revision_details.provider            repository 
_pdbx_audit_revision_details.type                'Initial release' 
_pdbx_audit_revision_details.description         ? 
_pdbx_audit_revision_details.details             ? 
# 
loop_
_pdbx_audit_revision_group.ordinal 
_pdbx_audit_revision_group.revision_ordinal 
_pdbx_audit_revision_group.data_content_type 
_pdbx_audit_revision_group.group 
1 2 'Structure model' 'Version format compliance' 
2 3 'Structure model' 'Version format compliance' 
3 4 'Structure model' 'Derived calculations'      
4 4 'Structure model' Other                       
5 5 'Structure model' 'Data collection'           
6 5 'Structure model' 'Database references'       
7 5 'Structure model' 'Structure summary'         
# 
loop_
_pdbx_audit_revision_category.ordinal 
_pdbx_audit_revision_category.revision_ordinal 
_pdbx_audit_revision_category.data_content_type 
_pdbx_audit_revision_category.category 
1 4 'Structure model' pdbx_database_status      
2 4 'Structure model' pdbx_struct_assembly      
3 4 'Structure model' pdbx_struct_oper_list     
4 4 'Structure model' struct_conf               
5 5 'Structure model' chem_comp_atom            
6 5 'Structure model' chem_comp_bond            
7 5 'Structure model' database_2                
8 5 'Structure model' pdbx_entry_details        
9 5 'Structure model' pdbx_modification_feature 
# 
loop_
_pdbx_audit_revision_item.ordinal 
_pdbx_audit_revision_item.revision_ordinal 
_pdbx_audit_revision_item.data_content_type 
_pdbx_audit_revision_item.item 
1 4 'Structure model' '_pdbx_database_status.process_site'  
2 5 'Structure model' '_database_2.pdbx_DOI'                
3 5 'Structure model' '_database_2.pdbx_database_accession' 
# 
_pdbx_database_status.status_code                     REL 
_pdbx_database_status.entry_id                        1TPM 
_pdbx_database_status.recvd_initial_deposition_date   1993-05-26 
_pdbx_database_status.deposit_site                    ? 
_pdbx_database_status.process_site                    BNL 
_pdbx_database_status.SG_entry                        . 
_pdbx_database_status.pdb_format_compatible           Y 
_pdbx_database_status.status_code_mr                  ? 
_pdbx_database_status.status_code_sf                  ? 
_pdbx_database_status.status_code_cs                  ? 
_pdbx_database_status.methods_development_category    ? 
_pdbx_database_status.status_code_nmr_data            ? 
# 
_pdbx_database_related.db_name        PDB 
_pdbx_database_related.db_id          1TPN 
_pdbx_database_related.details        . 
_pdbx_database_related.content_type   ensemble 
# 
loop_
_audit_author.name 
_audit_author.pdbx_ordinal 
'Downing, A.K.'  1 
'Driscoll, P.C.' 2 
'Harvey, T.S.'   3 
'Dudgeon, T.J.'  4 
'Smith, B.O.'    5 
'Baron, M.'      6 
'Campbell, I.D.' 7 
# 
_citation.id                        primary 
_citation.title                     
;Solution structure of the fibrin binding finger domain of tissue-type plasminogen activator determined by 1H nuclear magnetic resonance.
;
_citation.journal_abbrev            J.Mol.Biol. 
_citation.journal_volume            225 
_citation.page_first                821 
_citation.page_last                 833 
_citation.year                      1992 
_citation.journal_id_ASTM           JMOBAK 
_citation.country                   UK 
_citation.journal_id_ISSN           0022-2836 
_citation.journal_id_CSD            0070 
_citation.book_publisher            ? 
_citation.pdbx_database_id_PubMed   1602484 
_citation.pdbx_database_id_DOI      '10.1016/0022-2836(92)90403-7' 
# 
loop_
_citation_author.citation_id 
_citation_author.name 
_citation_author.ordinal 
_citation_author.identifier_ORCID 
primary 'Downing, A.K.'  1 ? 
primary 'Driscoll, P.C.' 2 ? 
primary 'Harvey, T.S.'   3 ? 
primary 'Dudgeon, T.J.'  4 ? 
primary 'Smith, B.O.'    5 ? 
primary 'Baron, M.'      6 ? 
primary 'Campbell, I.D.' 7 ? 
# 
_entity.id                         1 
_entity.type                       polymer 
_entity.src_method                 man 
_entity.pdbx_description           'TISSUE-TYPE PLASMINOGEN ACTIVATOR' 
_entity.formula_weight             6008.854 
_entity.pdbx_number_of_molecules   1 
_entity.pdbx_ec                    ? 
_entity.pdbx_mutation              ? 
_entity.pdbx_fragment              ? 
_entity.details                    ? 
# 
_entity_poly.entity_id                      1 
_entity_poly.type                           'polypeptide(L)' 
_entity_poly.nstd_linkage                   no 
_entity_poly.nstd_monomer                   no 
_entity_poly.pdbx_seq_one_letter_code       SYQVICRDEKTQMIYQQHQSWLRPVLRSNRVEYCWCNSGRAQCHSVPVKS 
_entity_poly.pdbx_seq_one_letter_code_can   SYQVICRDEKTQMIYQQHQSWLRPVLRSNRVEYCWCNSGRAQCHSVPVKS 
_entity_poly.pdbx_strand_id                 A 
_entity_poly.pdbx_target_identifier         ? 
# 
loop_
_entity_poly_seq.entity_id 
_entity_poly_seq.num 
_entity_poly_seq.mon_id 
_entity_poly_seq.hetero 
1 1  SER n 
1 2  TYR n 
1 3  GLN n 
1 4  VAL n 
1 5  ILE n 
1 6  CYS n 
1 7  ARG n 
1 8  ASP n 
1 9  GLU n 
1 10 LYS n 
1 11 THR n 
1 12 GLN n 
1 13 MET n 
1 14 ILE n 
1 15 TYR n 
1 16 GLN n 
1 17 GLN n 
1 18 HIS n 
1 19 GLN n 
1 20 SER n 
1 21 TRP n 
1 22 LEU n 
1 23 ARG n 
1 24 PRO n 
1 25 VAL n 
1 26 LEU n 
1 27 ARG n 
1 28 SER n 
1 29 ASN n 
1 30 ARG n 
1 31 VAL n 
1 32 GLU n 
1 33 TYR n 
1 34 CYS n 
1 35 TRP n 
1 36 CYS n 
1 37 ASN n 
1 38 SER n 
1 39 GLY n 
1 40 ARG n 
1 41 ALA n 
1 42 GLN n 
1 43 CYS n 
1 44 HIS n 
1 45 SER n 
1 46 VAL n 
1 47 PRO n 
1 48 VAL n 
1 49 LYS n 
1 50 SER n 
# 
_entity_src_gen.entity_id                          1 
_entity_src_gen.pdbx_src_id                        1 
_entity_src_gen.pdbx_alt_source_flag               sample 
_entity_src_gen.pdbx_seq_type                      ? 
_entity_src_gen.pdbx_beg_seq_num                   ? 
_entity_src_gen.pdbx_end_seq_num                   ? 
_entity_src_gen.gene_src_common_name               human 
_entity_src_gen.gene_src_genus                     Homo 
_entity_src_gen.pdbx_gene_src_gene                 ? 
_entity_src_gen.gene_src_species                   ? 
_entity_src_gen.gene_src_strain                    ? 
_entity_src_gen.gene_src_tissue                    ? 
_entity_src_gen.gene_src_tissue_fraction           ? 
_entity_src_gen.gene_src_details                   ? 
_entity_src_gen.pdbx_gene_src_fragment             ? 
_entity_src_gen.pdbx_gene_src_scientific_name      'Homo sapiens' 
_entity_src_gen.pdbx_gene_src_ncbi_taxonomy_id     9606 
_entity_src_gen.pdbx_gene_src_variant              ? 
_entity_src_gen.pdbx_gene_src_cell_line            ? 
_entity_src_gen.pdbx_gene_src_atcc                 ? 
_entity_src_gen.pdbx_gene_src_organ                ? 
_entity_src_gen.pdbx_gene_src_organelle            ? 
_entity_src_gen.pdbx_gene_src_cell                 ? 
_entity_src_gen.pdbx_gene_src_cellular_location    ? 
_entity_src_gen.host_org_common_name               ? 
_entity_src_gen.pdbx_host_org_scientific_name      ? 
_entity_src_gen.pdbx_host_org_ncbi_taxonomy_id     ? 
_entity_src_gen.host_org_genus                     ? 
_entity_src_gen.pdbx_host_org_gene                 ? 
_entity_src_gen.pdbx_host_org_organ                ? 
_entity_src_gen.host_org_species                   ? 
_entity_src_gen.pdbx_host_org_tissue               ? 
_entity_src_gen.pdbx_host_org_tissue_fraction      ? 
_entity_src_gen.pdbx_host_org_strain               ? 
_entity_src_gen.pdbx_host_org_variant              ? 
_entity_src_gen.pdbx_host_org_cell_line            ? 
_entity_src_gen.pdbx_host_org_atcc                 ? 
_entity_src_gen.pdbx_host_org_culture_collection   ? 
_entity_src_gen.pdbx_host_org_cell                 ? 
_entity_src_gen.pdbx_host_org_organelle            ? 
_entity_src_gen.pdbx_host_org_cellular_location    ? 
_entity_src_gen.pdbx_host_org_vector_type          ? 
_entity_src_gen.pdbx_host_org_vector               ? 
_entity_src_gen.host_org_details                   ? 
_entity_src_gen.expression_system_id               ? 
_entity_src_gen.plasmid_name                       ? 
_entity_src_gen.plasmid_details                    ? 
_entity_src_gen.pdbx_description                   ? 
# 
loop_
_chem_comp.id 
_chem_comp.type 
_chem_comp.mon_nstd_flag 
_chem_comp.name 
_chem_comp.pdbx_synonyms 
_chem_comp.formula 
_chem_comp.formula_weight 
ALA 'L-peptide linking' y ALANINE         ? 'C3 H7 N O2'     89.093  
ARG 'L-peptide linking' y ARGININE        ? 'C6 H15 N4 O2 1' 175.209 
ASN 'L-peptide linking' y ASPARAGINE      ? 'C4 H8 N2 O3'    132.118 
ASP 'L-peptide linking' y 'ASPARTIC ACID' ? 'C4 H7 N O4'     133.103 
CYS 'L-peptide linking' y CYSTEINE        ? 'C3 H7 N O2 S'   121.158 
GLN 'L-peptide linking' y GLUTAMINE       ? 'C5 H10 N2 O3'   146.144 
GLU 'L-peptide linking' y 'GLUTAMIC ACID' ? 'C5 H9 N O4'     147.129 
GLY 'peptide linking'   y GLYCINE         ? 'C2 H5 N O2'     75.067  
HIS 'L-peptide linking' y HISTIDINE       ? 'C6 H10 N3 O2 1' 156.162 
ILE 'L-peptide linking' y ISOLEUCINE      ? 'C6 H13 N O2'    131.173 
LEU 'L-peptide linking' y LEUCINE         ? 'C6 H13 N O2'    131.173 
LYS 'L-peptide linking' y LYSINE          ? 'C6 H15 N2 O2 1' 147.195 
MET 'L-peptide linking' y METHIONINE      ? 'C5 H11 N O2 S'  149.211 
PRO 'L-peptide linking' y PROLINE         ? 'C5 H9 N O2'     115.130 
SER 'L-peptide linking' y SERINE          ? 'C3 H7 N O3'     105.093 
THR 'L-peptide linking' y THREONINE       ? 'C4 H9 N O3'     119.119 
TRP 'L-peptide linking' y TRYPTOPHAN      ? 'C11 H12 N2 O2'  204.225 
TYR 'L-peptide linking' y TYROSINE        ? 'C9 H11 N O3'    181.189 
VAL 'L-peptide linking' y VALINE          ? 'C5 H11 N O2'    117.146 
# 
loop_
_pdbx_poly_seq_scheme.asym_id 
_pdbx_poly_seq_scheme.entity_id 
_pdbx_poly_seq_scheme.seq_id 
_pdbx_poly_seq_scheme.mon_id 
_pdbx_poly_seq_scheme.ndb_seq_num 
_pdbx_poly_seq_scheme.pdb_seq_num 
_pdbx_poly_seq_scheme.auth_seq_num 
_pdbx_poly_seq_scheme.pdb_mon_id 
_pdbx_poly_seq_scheme.auth_mon_id 
_pdbx_poly_seq_scheme.pdb_strand_id 
_pdbx_poly_seq_scheme.pdb_ins_code 
_pdbx_poly_seq_scheme.hetero 
A 1 1  SER 1  1  1  SER SER A . n 
A 1 2  TYR 2  2  2  TYR TYR A . n 
A 1 3  GLN 3  3  3  GLN GLN A . n 
A 1 4  VAL 4  4  4  VAL VAL A . n 
A 1 5  ILE 5  5  5  ILE ILE A . n 
A 1 6  CYS 6  6  6  CYS CYS A . n 
A 1 7  ARG 7  7  7  ARG ARG A . n 
A 1 8  ASP 8  8  8  ASP ASP A . n 
A 1 9  GLU 9  9  9  GLU GLU A . n 
A 1 10 LYS 10 10 10 LYS LYS A . n 
A 1 11 THR 11 11 11 THR THR A . n 
A 1 12 GLN 12 12 12 GLN GLN A . n 
A 1 13 MET 13 13 13 MET MET A . n 
A 1 14 ILE 14 14 14 ILE ILE A . n 
A 1 15 TYR 15 15 15 TYR TYR A . n 
A 1 16 GLN 16 16 16 GLN GLN A . n 
A 1 17 GLN 17 17 17 GLN GLN A . n 
A 1 18 HIS 18 18 18 HIS HIS A . n 
A 1 19 GLN 19 19 19 GLN GLN A . n 
A 1 20 SER 20 20 20 SER SER A . n 
A 1 21 TRP 21 21 21 TRP TRP A . n 
A 1 22 LEU 22 22 22 LEU LEU A . n 
A 1 23 ARG 23 23 23 ARG ARG A . n 
A 1 24 PRO 24 24 24 PRO PRO A . n 
A 1 25 VAL 25 25 25 VAL VAL A . n 
A 1 26 LEU 26 26 26 LEU LEU A . n 
A 1 27 ARG 27 27 27 ARG ARG A . n 
A 1 28 SER 28 28 28 SER SER A . n 
A 1 29 ASN 29 29 29 ASN ASN A . n 
A 1 30 ARG 30 30 30 ARG ARG A . n 
A 1 31 VAL 31 31 31 VAL VAL A . n 
A 1 32 GLU 32 32 32 GLU GLU A . n 
A 1 33 TYR 33 33 33 TYR TYR A . n 
A 1 34 CYS 34 34 34 CYS CYS A . n 
A 1 35 TRP 35 35 35 TRP TRP A . n 
A 1 36 CYS 36 36 36 CYS CYS A . n 
A 1 37 ASN 37 37 37 ASN ASN A . n 
A 1 38 SER 38 38 38 SER SER A . n 
A 1 39 GLY 39 39 39 GLY GLY A . n 
A 1 40 ARG 40 40 40 ARG ARG A . n 
A 1 41 ALA 41 41 41 ALA ALA A . n 
A 1 42 GLN 42 42 42 GLN GLN A . n 
A 1 43 CYS 43 43 43 CYS CYS A . n 
A 1 44 HIS 44 44 44 HIS HIS A . n 
A 1 45 SER 45 45 45 SER SER A . n 
A 1 46 VAL 46 46 46 VAL VAL A . n 
A 1 47 PRO 47 47 47 PRO PRO A . n 
A 1 48 VAL 48 48 48 VAL VAL A . n 
A 1 49 LYS 49 49 49 LYS LYS A . n 
A 1 50 SER 50 50 50 SER SER A . n 
# 
loop_
_software.name 
_software.classification 
_software.version 
_software.citation_id 
_software.pdbx_ordinal 
X-PLOR 'model building' . ? 1 
X-PLOR refinement       . ? 2 
X-PLOR phasing          . ? 3 
# 
_cell.entry_id           1TPM 
_cell.length_a           1.000 
_cell.length_b           1.000 
_cell.length_c           1.000 
_cell.angle_alpha        90.00 
_cell.angle_beta         90.00 
_cell.angle_gamma        90.00 
_cell.Z_PDB              1 
_cell.pdbx_unique_axis   ? 
# 
_symmetry.entry_id                         1TPM 
_symmetry.space_group_name_H-M             'P 1' 
_symmetry.pdbx_full_space_group_name_H-M   ? 
_symmetry.cell_setting                     ? 
_symmetry.Int_Tables_number                1 
# 
_exptl.entry_id          1TPM 
_exptl.method            'SOLUTION NMR' 
_exptl.crystals_number   ? 
# 
_struct.entry_id                  1TPM 
_struct.title                     
;SOLUTION STRUCTURE OF THE FIBRIN BINDING FINGER DOMAIN OF TISSUE-TYPE PLASMINOGEN ACTIVATOR DETERMINED BY 1H NUCLEAR MAGNETIC RESONANCE
;
_struct.pdbx_model_details        ? 
_struct.pdbx_CASP_flag            ? 
_struct.pdbx_model_type_details   ? 
# 
_struct_keywords.entry_id        1TPM 
_struct_keywords.pdbx_keywords   'PLASMINOGEN ACTIVATOR' 
_struct_keywords.text            'PLASMINOGEN ACTIVATOR' 
# 
_struct_asym.id                            A 
_struct_asym.pdbx_blank_PDB_chainid_flag   Y 
_struct_asym.pdbx_modified                 N 
_struct_asym.entity_id                     1 
_struct_asym.details                       ? 
# 
_struct_ref.id                         1 
_struct_ref.db_name                    UNP 
_struct_ref.db_code                    TPA_HUMAN 
_struct_ref.entity_id                  1 
_struct_ref.pdbx_db_accession          P00750 
_struct_ref.pdbx_align_begin           1 
_struct_ref.pdbx_seq_one_letter_code   
;MDAMKRGLCCVLLLCGAVFVSPSQEIHARFRRGARSYQVICRDEKTQMIYQQHQSWLRPVLRSNRVEYCWCNSGRAQCHS
VPVKSCSEPRCFNGGTCQQALYFSDFVCQCPEGFAGKCCEIDTRATCYEDQGISYRGTWSTAESGAECTNWNSSALAQKP
YSGRRPDAIRLGLGNHNYCRNPDRDSKPWCYVFKAGKYSSEFCSTPACSEGNSDCYFGNGSAYRGTHSLTESGASCLPWN
SMILIGKVYTAQNPSAQALGLGKHNYCRNPDGDAKPWCHVLKNRRLTWEYCDVPSCSTCGLRQYSQPQFRIKGGLFADIA
SHPWQAAIFAKHRRSPGERFLCGGILISSCWILSAAHCFQERFPPHHLTVILGRTYRVVPGEEEQKFEVEKYIVHKEFDD
DTYDNDIALLQLKSDSSRCAQESSVVRTVCLPPADLQLPDWTECELSGYGKHEALSPFYSERLKEAHVRLYPSSRCTSQH
LLNRTVTDNMLCAGDTRSGGPQANLHDACQGDSGGPLVCLNDGRMTLVGIISWGLGCGQKDVPGVYTKVTNYLDWIRDNM
RP
;
_struct_ref.pdbx_db_isoform            ? 
# 
_struct_ref_seq.align_id                      1 
_struct_ref_seq.ref_id                        1 
_struct_ref_seq.pdbx_PDB_id_code              1TPM 
_struct_ref_seq.pdbx_strand_id                A 
_struct_ref_seq.seq_align_beg                 1 
_struct_ref_seq.pdbx_seq_align_beg_ins_code   ? 
_struct_ref_seq.seq_align_end                 50 
_struct_ref_seq.pdbx_seq_align_end_ins_code   ? 
_struct_ref_seq.pdbx_db_accession             P00750 
_struct_ref_seq.db_align_beg                  36 
_struct_ref_seq.pdbx_db_align_beg_ins_code    ? 
_struct_ref_seq.db_align_end                  85 
_struct_ref_seq.pdbx_db_align_end_ins_code    ? 
_struct_ref_seq.pdbx_auth_seq_align_beg       1 
_struct_ref_seq.pdbx_auth_seq_align_end       50 
# 
_pdbx_struct_assembly.id                   1 
_pdbx_struct_assembly.details              author_defined_assembly 
_pdbx_struct_assembly.method_details       ? 
_pdbx_struct_assembly.oligomeric_details   monomeric 
_pdbx_struct_assembly.oligomeric_count     1 
# 
_pdbx_struct_assembly_gen.assembly_id       1 
_pdbx_struct_assembly_gen.oper_expression   1 
_pdbx_struct_assembly_gen.asym_id_list      A 
# 
_pdbx_struct_oper_list.id                   1 
_pdbx_struct_oper_list.type                 'identity operation' 
_pdbx_struct_oper_list.name                 1_555 
_pdbx_struct_oper_list.symmetry_operation   ? 
_pdbx_struct_oper_list.matrix[1][1]         1.0000000000 
_pdbx_struct_oper_list.matrix[1][2]         0.0000000000 
_pdbx_struct_oper_list.matrix[1][3]         0.0000000000 
_pdbx_struct_oper_list.vector[1]            0.0000000000 
_pdbx_struct_oper_list.matrix[2][1]         0.0000000000 
_pdbx_struct_oper_list.matrix[2][2]         1.0000000000 
_pdbx_struct_oper_list.matrix[2][3]         0.0000000000 
_pdbx_struct_oper_list.vector[2]            0.0000000000 
_pdbx_struct_oper_list.matrix[3][1]         0.0000000000 
_pdbx_struct_oper_list.matrix[3][2]         0.0000000000 
_pdbx_struct_oper_list.matrix[3][3]         1.0000000000 
_pdbx_struct_oper_list.vector[3]            0.0000000000 
# 
_struct_biol.id   1 
# 
loop_
_struct_conn.id 
_struct_conn.conn_type_id 
_struct_conn.pdbx_leaving_atom_flag 
_struct_conn.pdbx_PDB_id 
_struct_conn.ptnr1_label_asym_id 
_struct_conn.ptnr1_label_comp_id 
_struct_conn.ptnr1_label_seq_id 
_struct_conn.ptnr1_label_atom_id 
_struct_conn.pdbx_ptnr1_label_alt_id 
_struct_conn.pdbx_ptnr1_PDB_ins_code 
_struct_conn.pdbx_ptnr1_standard_comp_id 
_struct_conn.ptnr1_symmetry 
_struct_conn.ptnr2_label_asym_id 
_struct_conn.ptnr2_label_comp_id 
_struct_conn.ptnr2_label_seq_id 
_struct_conn.ptnr2_label_atom_id 
_struct_conn.pdbx_ptnr2_label_alt_id 
_struct_conn.pdbx_ptnr2_PDB_ins_code 
_struct_conn.ptnr1_auth_asym_id 
_struct_conn.ptnr1_auth_comp_id 
_struct_conn.ptnr1_auth_seq_id 
_struct_conn.ptnr2_auth_asym_id 
_struct_conn.ptnr2_auth_comp_id 
_struct_conn.ptnr2_auth_seq_id 
_struct_conn.ptnr2_symmetry 
_struct_conn.pdbx_ptnr3_label_atom_id 
_struct_conn.pdbx_ptnr3_label_seq_id 
_struct_conn.pdbx_ptnr3_label_comp_id 
_struct_conn.pdbx_ptnr3_label_asym_id 
_struct_conn.pdbx_ptnr3_label_alt_id 
_struct_conn.pdbx_ptnr3_PDB_ins_code 
_struct_conn.details 
_struct_conn.pdbx_dist_value 
_struct_conn.pdbx_value_order 
_struct_conn.pdbx_role 
disulf1 disulf ? ? A CYS 6  SG ? ? ? 1_555 A CYS 36 SG ? ? A CYS 6  A CYS 36 1_555 ? ? ? ? ? ? ? 2.020 ? ? 
disulf2 disulf ? ? A CYS 34 SG ? ? ? 1_555 A CYS 43 SG ? ? A CYS 34 A CYS 43 1_555 ? ? ? ? ? ? ? 2.023 ? ? 
# 
_struct_conn_type.id          disulf 
_struct_conn_type.criteria    ? 
_struct_conn_type.reference   ? 
# 
loop_
_pdbx_modification_feature.ordinal 
_pdbx_modification_feature.label_comp_id 
_pdbx_modification_feature.label_asym_id 
_pdbx_modification_feature.label_seq_id 
_pdbx_modification_feature.label_alt_id 
_pdbx_modification_feature.modified_residue_label_comp_id 
_pdbx_modification_feature.modified_residue_label_asym_id 
_pdbx_modification_feature.modified_residue_label_seq_id 
_pdbx_modification_feature.modified_residue_label_alt_id 
_pdbx_modification_feature.auth_comp_id 
_pdbx_modification_feature.auth_asym_id 
_pdbx_modification_feature.auth_seq_id 
_pdbx_modification_feature.PDB_ins_code 
_pdbx_modification_feature.symmetry 
_pdbx_modification_feature.modified_residue_auth_comp_id 
_pdbx_modification_feature.modified_residue_auth_asym_id 
_pdbx_modification_feature.modified_residue_auth_seq_id 
_pdbx_modification_feature.modified_residue_PDB_ins_code 
_pdbx_modification_feature.modified_residue_symmetry 
_pdbx_modification_feature.comp_id_linking_atom 
_pdbx_modification_feature.modified_residue_id_linking_atom 
_pdbx_modification_feature.modified_residue_id 
_pdbx_modification_feature.ref_pcm_id 
_pdbx_modification_feature.ref_comp_id 
_pdbx_modification_feature.type 
_pdbx_modification_feature.category 
1 CYS A 6  ? CYS A 36 ? CYS A 6  ? 1_555 CYS A 36 ? 1_555 SG SG . . . None 'Disulfide bridge' 
2 CYS A 34 ? CYS A 43 ? CYS A 34 ? 1_555 CYS A 43 ? 1_555 SG SG . . . None 'Disulfide bridge' 
# 
loop_
_struct_sheet.id 
_struct_sheet.type 
_struct_sheet.number_strands 
_struct_sheet.details 
B1 ? 2 ? 
B2 ? 3 ? 
# 
loop_
_struct_sheet_order.sheet_id 
_struct_sheet_order.range_id_1 
_struct_sheet_order.range_id_2 
_struct_sheet_order.offset 
_struct_sheet_order.sense 
B1 1 2 ? anti-parallel 
B2 1 2 ? anti-parallel 
B2 2 3 ? anti-parallel 
# 
loop_
_struct_sheet_range.sheet_id 
_struct_sheet_range.id 
_struct_sheet_range.beg_label_comp_id 
_struct_sheet_range.beg_label_asym_id 
_struct_sheet_range.beg_label_seq_id 
_struct_sheet_range.pdbx_beg_PDB_ins_code 
_struct_sheet_range.end_label_comp_id 
_struct_sheet_range.end_label_asym_id 
_struct_sheet_range.end_label_seq_id 
_struct_sheet_range.pdbx_end_PDB_ins_code 
_struct_sheet_range.beg_auth_comp_id 
_struct_sheet_range.beg_auth_asym_id 
_struct_sheet_range.beg_auth_seq_id 
_struct_sheet_range.end_auth_comp_id 
_struct_sheet_range.end_auth_asym_id 
_struct_sheet_range.end_auth_seq_id 
B1 1 CYS A 6  ? ASP A 8  ? CYS A 6  ASP A 8  
B1 2 MET A 13 ? TYR A 15 ? MET A 13 TYR A 15 
B2 1 SER A 20 ? PRO A 24 ? SER A 20 PRO A 24 
B2 2 VAL A 31 ? TRP A 35 ? VAL A 31 TRP A 35 
B2 3 GLN A 42 ? VAL A 46 ? GLN A 42 VAL A 46 
# 
loop_
_pdbx_struct_sheet_hbond.sheet_id 
_pdbx_struct_sheet_hbond.range_id_1 
_pdbx_struct_sheet_hbond.range_id_2 
_pdbx_struct_sheet_hbond.range_1_label_atom_id 
_pdbx_struct_sheet_hbond.range_1_label_comp_id 
_pdbx_struct_sheet_hbond.range_1_label_asym_id 
_pdbx_struct_sheet_hbond.range_1_label_seq_id 
_pdbx_struct_sheet_hbond.range_1_PDB_ins_code 
_pdbx_struct_sheet_hbond.range_1_auth_atom_id 
_pdbx_struct_sheet_hbond.range_1_auth_comp_id 
_pdbx_struct_sheet_hbond.range_1_auth_asym_id 
_pdbx_struct_sheet_hbond.range_1_auth_seq_id 
_pdbx_struct_sheet_hbond.range_2_label_atom_id 
_pdbx_struct_sheet_hbond.range_2_label_comp_id 
_pdbx_struct_sheet_hbond.range_2_label_asym_id 
_pdbx_struct_sheet_hbond.range_2_label_seq_id 
_pdbx_struct_sheet_hbond.range_2_PDB_ins_code 
_pdbx_struct_sheet_hbond.range_2_auth_atom_id 
_pdbx_struct_sheet_hbond.range_2_auth_comp_id 
_pdbx_struct_sheet_hbond.range_2_auth_asym_id 
_pdbx_struct_sheet_hbond.range_2_auth_seq_id 
B1 1 2 O CYS A 6  ? O CYS A 6  N TYR A 15 ? N TYR A 15 
B2 1 2 O ARG A 23 ? O ARG A 23 N GLU A 32 ? N GLU A 32 
B2 2 3 O TRP A 35 ? O TRP A 35 N GLN A 42 ? N GLN A 42 
# 
_pdbx_entry_details.entry_id                   1TPM 
_pdbx_entry_details.compound_details           ? 
_pdbx_entry_details.source_details             ? 
_pdbx_entry_details.nonpolymer_details         ? 
_pdbx_entry_details.sequence_details           ? 
_pdbx_entry_details.has_ligand_of_interest     ? 
_pdbx_entry_details.has_protein_modification   Y 
# 
loop_
_pdbx_validate_rmsd_bond.id 
_pdbx_validate_rmsd_bond.PDB_model_num 
_pdbx_validate_rmsd_bond.auth_atom_id_1 
_pdbx_validate_rmsd_bond.auth_asym_id_1 
_pdbx_validate_rmsd_bond.auth_comp_id_1 
_pdbx_validate_rmsd_bond.auth_seq_id_1 
_pdbx_validate_rmsd_bond.PDB_ins_code_1 
_pdbx_validate_rmsd_bond.label_alt_id_1 
_pdbx_validate_rmsd_bond.auth_atom_id_2 
_pdbx_validate_rmsd_bond.auth_asym_id_2 
_pdbx_validate_rmsd_bond.auth_comp_id_2 
_pdbx_validate_rmsd_bond.auth_seq_id_2 
_pdbx_validate_rmsd_bond.PDB_ins_code_2 
_pdbx_validate_rmsd_bond.label_alt_id_2 
_pdbx_validate_rmsd_bond.bond_value 
_pdbx_validate_rmsd_bond.bond_target_value 
_pdbx_validate_rmsd_bond.bond_deviation 
_pdbx_validate_rmsd_bond.bond_standard_deviation 
_pdbx_validate_rmsd_bond.linker_flag 
1 1 CG A HIS 18 ? ? ND1 A HIS 18 ? ? 1.248 1.369 -0.121 0.015 N 
2 1 CG A TRP 21 ? ? CD2 A TRP 21 ? ? 1.316 1.432 -0.116 0.017 N 
3 1 CG A TRP 35 ? ? CD2 A TRP 35 ? ? 1.319 1.432 -0.113 0.017 N 
4 1 CG A HIS 44 ? ? ND1 A HIS 44 ? ? 1.250 1.369 -0.119 0.015 N 
# 
loop_
_pdbx_validate_rmsd_angle.id 
_pdbx_validate_rmsd_angle.PDB_model_num 
_pdbx_validate_rmsd_angle.auth_atom_id_1 
_pdbx_validate_rmsd_angle.auth_asym_id_1 
_pdbx_validate_rmsd_angle.auth_comp_id_1 
_pdbx_validate_rmsd_angle.auth_seq_id_1 
_pdbx_validate_rmsd_angle.PDB_ins_code_1 
_pdbx_validate_rmsd_angle.label_alt_id_1 
_pdbx_validate_rmsd_angle.auth_atom_id_2 
_pdbx_validate_rmsd_angle.auth_asym_id_2 
_pdbx_validate_rmsd_angle.auth_comp_id_2 
_pdbx_validate_rmsd_angle.auth_seq_id_2 
_pdbx_validate_rmsd_angle.PDB_ins_code_2 
_pdbx_validate_rmsd_angle.label_alt_id_2 
_pdbx_validate_rmsd_angle.auth_atom_id_3 
_pdbx_validate_rmsd_angle.auth_asym_id_3 
_pdbx_validate_rmsd_angle.auth_comp_id_3 
_pdbx_validate_rmsd_angle.auth_seq_id_3 
_pdbx_validate_rmsd_angle.PDB_ins_code_3 
_pdbx_validate_rmsd_angle.label_alt_id_3 
_pdbx_validate_rmsd_angle.angle_value 
_pdbx_validate_rmsd_angle.angle_target_value 
_pdbx_validate_rmsd_angle.angle_deviation 
_pdbx_validate_rmsd_angle.angle_standard_deviation 
_pdbx_validate_rmsd_angle.linker_flag 
1 1 CG  A TRP 21 ? ? CD1 A TRP 21 ? ? NE1 A TRP 21 ? ? 104.04 110.10 -6.06 1.00 N 
2 1 NE1 A TRP 21 ? ? CE2 A TRP 21 ? ? CZ2 A TRP 21 ? ? 138.90 130.40 8.50  1.10 N 
3 1 NE1 A TRP 21 ? ? CE2 A TRP 21 ? ? CD2 A TRP 21 ? ? 100.31 107.30 -6.99 1.00 N 
4 1 CD1 A TRP 35 ? ? CG  A TRP 35 ? ? CD2 A TRP 35 ? ? 111.15 106.30 4.85  0.80 N 
5 1 CG  A TRP 35 ? ? CD1 A TRP 35 ? ? NE1 A TRP 35 ? ? 103.96 110.10 -6.14 1.00 N 
6 1 NE1 A TRP 35 ? ? CE2 A TRP 35 ? ? CZ2 A TRP 35 ? ? 139.60 130.40 9.20  1.10 N 
7 1 NE1 A TRP 35 ? ? CE2 A TRP 35 ? ? CD2 A TRP 35 ? ? 100.03 107.30 -7.27 1.00 N 
# 
loop_
_pdbx_validate_torsion.id 
_pdbx_validate_torsion.PDB_model_num 
_pdbx_validate_torsion.auth_comp_id 
_pdbx_validate_torsion.auth_asym_id 
_pdbx_validate_torsion.auth_seq_id 
_pdbx_validate_torsion.PDB_ins_code 
_pdbx_validate_torsion.label_alt_id 
_pdbx_validate_torsion.phi 
_pdbx_validate_torsion.psi 
1 1 THR A 11 ? ? -147.28 -9.46   
2 1 GLN A 12 ? ? 72.81   31.68   
3 1 PRO A 24 ? ? -56.60  173.27  
4 1 LEU A 26 ? ? -91.27  -66.91  
5 1 ARG A 27 ? ? -149.33 -17.37  
6 1 SER A 28 ? ? -85.35  -102.56 
7 1 ASN A 29 ? ? -166.64 17.82   
8 1 SER A 38 ? ? -173.07 -20.68  
9 1 ALA A 41 ? ? 48.89   86.20   
# 
loop_
_pdbx_validate_planes.id 
_pdbx_validate_planes.PDB_model_num 
_pdbx_validate_planes.auth_comp_id 
_pdbx_validate_planes.auth_asym_id 
_pdbx_validate_planes.auth_seq_id 
_pdbx_validate_planes.PDB_ins_code 
_pdbx_validate_planes.label_alt_id 
_pdbx_validate_planes.rmsd 
_pdbx_validate_planes.type 
1 1 ARG A 7  ? ? 0.245 'SIDE CHAIN' 
2 1 ARG A 23 ? ? 0.308 'SIDE CHAIN' 
3 1 ARG A 27 ? ? 0.318 'SIDE CHAIN' 
4 1 ARG A 40 ? ? 0.296 'SIDE CHAIN' 
# 
_pdbx_nmr_ensemble.entry_id                             1TPM 
_pdbx_nmr_ensemble.conformers_calculated_total_number   ? 
_pdbx_nmr_ensemble.conformers_submitted_total_number    1 
_pdbx_nmr_ensemble.conformer_selection_criteria         ? 
# 
_pdbx_nmr_software.classification   refinement 
_pdbx_nmr_software.name             X-PLOR 
_pdbx_nmr_software.version          ? 
_pdbx_nmr_software.authors          BRUNGER 
_pdbx_nmr_software.ordinal          1 
# 
loop_
_chem_comp_atom.comp_id 
_chem_comp_atom.atom_id 
_chem_comp_atom.type_symbol 
_chem_comp_atom.pdbx_aromatic_flag 
_chem_comp_atom.pdbx_stereo_config 
_chem_comp_atom.pdbx_ordinal 
ALA N    N N N 1   
ALA CA   C N S 2   
ALA C    C N N 3   
ALA O    O N N 4   
ALA CB   C N N 5   
ALA OXT  O N N 6   
ALA H    H N N 7   
ALA H2   H N N 8   
ALA HA   H N N 9   
ALA HB1  H N N 10  
ALA HB2  H N N 11  
ALA HB3  H N N 12  
ALA HXT  H N N 13  
ARG N    N N N 14  
ARG CA   C N S 15  
ARG C    C N N 16  
ARG O    O N N 17  
ARG CB   C N N 18  
ARG CG   C N N 19  
ARG CD   C N N 20  
ARG NE   N N N 21  
ARG CZ   C N N 22  
ARG NH1  N N N 23  
ARG NH2  N N N 24  
ARG OXT  O N N 25  
ARG H    H N N 26  
ARG H2   H N N 27  
ARG HA   H N N 28  
ARG HB2  H N N 29  
ARG HB3  H N N 30  
ARG HG2  H N N 31  
ARG HG3  H N N 32  
ARG HD2  H N N 33  
ARG HD3  H N N 34  
ARG HE   H N N 35  
ARG HH11 H N N 36  
ARG HH12 H N N 37  
ARG HH21 H N N 38  
ARG HH22 H N N 39  
ARG HXT  H N N 40  
ASN N    N N N 41  
ASN CA   C N S 42  
ASN C    C N N 43  
ASN O    O N N 44  
ASN CB   C N N 45  
ASN CG   C N N 46  
ASN OD1  O N N 47  
ASN ND2  N N N 48  
ASN OXT  O N N 49  
ASN H    H N N 50  
ASN H2   H N N 51  
ASN HA   H N N 52  
ASN HB2  H N N 53  
ASN HB3  H N N 54  
ASN HD21 H N N 55  
ASN HD22 H N N 56  
ASN HXT  H N N 57  
ASP N    N N N 58  
ASP CA   C N S 59  
ASP C    C N N 60  
ASP O    O N N 61  
ASP CB   C N N 62  
ASP CG   C N N 63  
ASP OD1  O N N 64  
ASP OD2  O N N 65  
ASP OXT  O N N 66  
ASP H    H N N 67  
ASP H2   H N N 68  
ASP HA   H N N 69  
ASP HB2  H N N 70  
ASP HB3  H N N 71  
ASP HD2  H N N 72  
ASP HXT  H N N 73  
CYS N    N N N 74  
CYS CA   C N R 75  
CYS C    C N N 76  
CYS O    O N N 77  
CYS CB   C N N 78  
CYS SG   S N N 79  
CYS OXT  O N N 80  
CYS H    H N N 81  
CYS H2   H N N 82  
CYS HA   H N N 83  
CYS HB2  H N N 84  
CYS HB3  H N N 85  
CYS HG   H N N 86  
CYS HXT  H N N 87  
GLN N    N N N 88  
GLN CA   C N S 89  
GLN C    C N N 90  
GLN O    O N N 91  
GLN CB   C N N 92  
GLN CG   C N N 93  
GLN CD   C N N 94  
GLN OE1  O N N 95  
GLN NE2  N N N 96  
GLN OXT  O N N 97  
GLN H    H N N 98  
GLN H2   H N N 99  
GLN HA   H N N 100 
GLN HB2  H N N 101 
GLN HB3  H N N 102 
GLN HG2  H N N 103 
GLN HG3  H N N 104 
GLN HE21 H N N 105 
GLN HE22 H N N 106 
GLN HXT  H N N 107 
GLU N    N N N 108 
GLU CA   C N S 109 
GLU C    C N N 110 
GLU O    O N N 111 
GLU CB   C N N 112 
GLU CG   C N N 113 
GLU CD   C N N 114 
GLU OE1  O N N 115 
GLU OE2  O N N 116 
GLU OXT  O N N 117 
GLU H    H N N 118 
GLU H2   H N N 119 
GLU HA   H N N 120 
GLU HB2  H N N 121 
GLU HB3  H N N 122 
GLU HG2  H N N 123 
GLU HG3  H N N 124 
GLU HE2  H N N 125 
GLU HXT  H N N 126 
GLY N    N N N 127 
GLY CA   C N N 128 
GLY C    C N N 129 
GLY O    O N N 130 
GLY OXT  O N N 131 
GLY H    H N N 132 
GLY H2   H N N 133 
GLY HA2  H N N 134 
GLY HA3  H N N 135 
GLY HXT  H N N 136 
HIS N    N N N 137 
HIS CA   C N S 138 
HIS C    C N N 139 
HIS O    O N N 140 
HIS CB   C N N 141 
HIS CG   C Y N 142 
HIS ND1  N Y N 143 
HIS CD2  C Y N 144 
HIS CE1  C Y N 145 
HIS NE2  N Y N 146 
HIS OXT  O N N 147 
HIS H    H N N 148 
HIS H2   H N N 149 
HIS HA   H N N 150 
HIS HB2  H N N 151 
HIS HB3  H N N 152 
HIS HD1  H N N 153 
HIS HD2  H N N 154 
HIS HE1  H N N 155 
HIS HE2  H N N 156 
HIS HXT  H N N 157 
ILE N    N N N 158 
ILE CA   C N S 159 
ILE C    C N N 160 
ILE O    O N N 161 
ILE CB   C N S 162 
ILE CG1  C N N 163 
ILE CG2  C N N 164 
ILE CD1  C N N 165 
ILE OXT  O N N 166 
ILE H    H N N 167 
ILE H2   H N N 168 
ILE HA   H N N 169 
ILE HB   H N N 170 
ILE HG12 H N N 171 
ILE HG13 H N N 172 
ILE HG21 H N N 173 
ILE HG22 H N N 174 
ILE HG23 H N N 175 
ILE HD11 H N N 176 
ILE HD12 H N N 177 
ILE HD13 H N N 178 
ILE HXT  H N N 179 
LEU N    N N N 180 
LEU CA   C N S 181 
LEU C    C N N 182 
LEU O    O N N 183 
LEU CB   C N N 184 
LEU CG   C N N 185 
LEU CD1  C N N 186 
LEU CD2  C N N 187 
LEU OXT  O N N 188 
LEU H    H N N 189 
LEU H2   H N N 190 
LEU HA   H N N 191 
LEU HB2  H N N 192 
LEU HB3  H N N 193 
LEU HG   H N N 194 
LEU HD11 H N N 195 
LEU HD12 H N N 196 
LEU HD13 H N N 197 
LEU HD21 H N N 198 
LEU HD22 H N N 199 
LEU HD23 H N N 200 
LEU HXT  H N N 201 
LYS N    N N N 202 
LYS CA   C N S 203 
LYS C    C N N 204 
LYS O    O N N 205 
LYS CB   C N N 206 
LYS CG   C N N 207 
LYS CD   C N N 208 
LYS CE   C N N 209 
LYS NZ   N N N 210 
LYS OXT  O N N 211 
LYS H    H N N 212 
LYS H2   H N N 213 
LYS HA   H N N 214 
LYS HB2  H N N 215 
LYS HB3  H N N 216 
LYS HG2  H N N 217 
LYS HG3  H N N 218 
LYS HD2  H N N 219 
LYS HD3  H N N 220 
LYS HE2  H N N 221 
LYS HE3  H N N 222 
LYS HZ1  H N N 223 
LYS HZ2  H N N 224 
LYS HZ3  H N N 225 
LYS HXT  H N N 226 
MET N    N N N 227 
MET CA   C N S 228 
MET C    C N N 229 
MET O    O N N 230 
MET CB   C N N 231 
MET CG   C N N 232 
MET SD   S N N 233 
MET CE   C N N 234 
MET OXT  O N N 235 
MET H    H N N 236 
MET H2   H N N 237 
MET HA   H N N 238 
MET HB2  H N N 239 
MET HB3  H N N 240 
MET HG2  H N N 241 
MET HG3  H N N 242 
MET HE1  H N N 243 
MET HE2  H N N 244 
MET HE3  H N N 245 
MET HXT  H N N 246 
PRO N    N N N 247 
PRO CA   C N S 248 
PRO C    C N N 249 
PRO O    O N N 250 
PRO CB   C N N 251 
PRO CG   C N N 252 
PRO CD   C N N 253 
PRO OXT  O N N 254 
PRO H    H N N 255 
PRO HA   H N N 256 
PRO HB2  H N N 257 
PRO HB3  H N N 258 
PRO HG2  H N N 259 
PRO HG3  H N N 260 
PRO HD2  H N N 261 
PRO HD3  H N N 262 
PRO HXT  H N N 263 
SER N    N N N 264 
SER CA   C N S 265 
SER C    C N N 266 
SER O    O N N 267 
SER CB   C N N 268 
SER OG   O N N 269 
SER OXT  O N N 270 
SER H    H N N 271 
SER H2   H N N 272 
SER HA   H N N 273 
SER HB2  H N N 274 
SER HB3  H N N 275 
SER HG   H N N 276 
SER HXT  H N N 277 
THR N    N N N 278 
THR CA   C N S 279 
THR C    C N N 280 
THR O    O N N 281 
THR CB   C N R 282 
THR OG1  O N N 283 
THR CG2  C N N 284 
THR OXT  O N N 285 
THR H    H N N 286 
THR H2   H N N 287 
THR HA   H N N 288 
THR HB   H N N 289 
THR HG1  H N N 290 
THR HG21 H N N 291 
THR HG22 H N N 292 
THR HG23 H N N 293 
THR HXT  H N N 294 
TRP N    N N N 295 
TRP CA   C N S 296 
TRP C    C N N 297 
TRP O    O N N 298 
TRP CB   C N N 299 
TRP CG   C Y N 300 
TRP CD1  C Y N 301 
TRP CD2  C Y N 302 
TRP NE1  N Y N 303 
TRP CE2  C Y N 304 
TRP CE3  C Y N 305 
TRP CZ2  C Y N 306 
TRP CZ3  C Y N 307 
TRP CH2  C Y N 308 
TRP OXT  O N N 309 
TRP H    H N N 310 
TRP H2   H N N 311 
TRP HA   H N N 312 
TRP HB2  H N N 313 
TRP HB3  H N N 314 
TRP HD1  H N N 315 
TRP HE1  H N N 316 
TRP HE3  H N N 317 
TRP HZ2  H N N 318 
TRP HZ3  H N N 319 
TRP HH2  H N N 320 
TRP HXT  H N N 321 
TYR N    N N N 322 
TYR CA   C N S 323 
TYR C    C N N 324 
TYR O    O N N 325 
TYR CB   C N N 326 
TYR CG   C Y N 327 
TYR CD1  C Y N 328 
TYR CD2  C Y N 329 
TYR CE1  C Y N 330 
TYR CE2  C Y N 331 
TYR CZ   C Y N 332 
TYR OH   O N N 333 
TYR OXT  O N N 334 
TYR H    H N N 335 
TYR H2   H N N 336 
TYR HA   H N N 337 
TYR HB2  H N N 338 
TYR HB3  H N N 339 
TYR HD1  H N N 340 
TYR HD2  H N N 341 
TYR HE1  H N N 342 
TYR HE2  H N N 343 
TYR HH   H N N 344 
TYR HXT  H N N 345 
VAL N    N N N 346 
VAL CA   C N S 347 
VAL C    C N N 348 
VAL O    O N N 349 
VAL CB   C N N 350 
VAL CG1  C N N 351 
VAL CG2  C N N 352 
VAL OXT  O N N 353 
VAL H    H N N 354 
VAL H2   H N N 355 
VAL HA   H N N 356 
VAL HB   H N N 357 
VAL HG11 H N N 358 
VAL HG12 H N N 359 
VAL HG13 H N N 360 
VAL HG21 H N N 361 
VAL HG22 H N N 362 
VAL HG23 H N N 363 
VAL HXT  H N N 364 
# 
loop_
_chem_comp_bond.comp_id 
_chem_comp_bond.atom_id_1 
_chem_comp_bond.atom_id_2 
_chem_comp_bond.value_order 
_chem_comp_bond.pdbx_aromatic_flag 
_chem_comp_bond.pdbx_stereo_config 
_chem_comp_bond.pdbx_ordinal 
ALA N   CA   sing N N 1   
ALA N   H    sing N N 2   
ALA N   H2   sing N N 3   
ALA CA  C    sing N N 4   
ALA CA  CB   sing N N 5   
ALA CA  HA   sing N N 6   
ALA C   O    doub N N 7   
ALA C   OXT  sing N N 8   
ALA CB  HB1  sing N N 9   
ALA CB  HB2  sing N N 10  
ALA CB  HB3  sing N N 11  
ALA OXT HXT  sing N N 12  
ARG N   CA   sing N N 13  
ARG N   H    sing N N 14  
ARG N   H2   sing N N 15  
ARG CA  C    sing N N 16  
ARG CA  CB   sing N N 17  
ARG CA  HA   sing N N 18  
ARG C   O    doub N N 19  
ARG C   OXT  sing N N 20  
ARG CB  CG   sing N N 21  
ARG CB  HB2  sing N N 22  
ARG CB  HB3  sing N N 23  
ARG CG  CD   sing N N 24  
ARG CG  HG2  sing N N 25  
ARG CG  HG3  sing N N 26  
ARG CD  NE   sing N N 27  
ARG CD  HD2  sing N N 28  
ARG CD  HD3  sing N N 29  
ARG NE  CZ   sing N N 30  
ARG NE  HE   sing N N 31  
ARG CZ  NH1  sing N N 32  
ARG CZ  NH2  doub N N 33  
ARG NH1 HH11 sing N N 34  
ARG NH1 HH12 sing N N 35  
ARG NH2 HH21 sing N N 36  
ARG NH2 HH22 sing N N 37  
ARG OXT HXT  sing N N 38  
ASN N   CA   sing N N 39  
ASN N   H    sing N N 40  
ASN N   H2   sing N N 41  
ASN CA  C    sing N N 42  
ASN CA  CB   sing N N 43  
ASN CA  HA   sing N N 44  
ASN C   O    doub N N 45  
ASN C   OXT  sing N N 46  
ASN CB  CG   sing N N 47  
ASN CB  HB2  sing N N 48  
ASN CB  HB3  sing N N 49  
ASN CG  OD1  doub N N 50  
ASN CG  ND2  sing N N 51  
ASN ND2 HD21 sing N N 52  
ASN ND2 HD22 sing N N 53  
ASN OXT HXT  sing N N 54  
ASP N   CA   sing N N 55  
ASP N   H    sing N N 56  
ASP N   H2   sing N N 57  
ASP CA  C    sing N N 58  
ASP CA  CB   sing N N 59  
ASP CA  HA   sing N N 60  
ASP C   O    doub N N 61  
ASP C   OXT  sing N N 62  
ASP CB  CG   sing N N 63  
ASP CB  HB2  sing N N 64  
ASP CB  HB3  sing N N 65  
ASP CG  OD1  doub N N 66  
ASP CG  OD2  sing N N 67  
ASP OD2 HD2  sing N N 68  
ASP OXT HXT  sing N N 69  
CYS N   CA   sing N N 70  
CYS N   H    sing N N 71  
CYS N   H2   sing N N 72  
CYS CA  C    sing N N 73  
CYS CA  CB   sing N N 74  
CYS CA  HA   sing N N 75  
CYS C   O    doub N N 76  
CYS C   OXT  sing N N 77  
CYS CB  SG   sing N N 78  
CYS CB  HB2  sing N N 79  
CYS CB  HB3  sing N N 80  
CYS SG  HG   sing N N 81  
CYS OXT HXT  sing N N 82  
GLN N   CA   sing N N 83  
GLN N   H    sing N N 84  
GLN N   H2   sing N N 85  
GLN CA  C    sing N N 86  
GLN CA  CB   sing N N 87  
GLN CA  HA   sing N N 88  
GLN C   O    doub N N 89  
GLN C   OXT  sing N N 90  
GLN CB  CG   sing N N 91  
GLN CB  HB2  sing N N 92  
GLN CB  HB3  sing N N 93  
GLN CG  CD   sing N N 94  
GLN CG  HG2  sing N N 95  
GLN CG  HG3  sing N N 96  
GLN CD  OE1  doub N N 97  
GLN CD  NE2  sing N N 98  
GLN NE2 HE21 sing N N 99  
GLN NE2 HE22 sing N N 100 
GLN OXT HXT  sing N N 101 
GLU N   CA   sing N N 102 
GLU N   H    sing N N 103 
GLU N   H2   sing N N 104 
GLU CA  C    sing N N 105 
GLU CA  CB   sing N N 106 
GLU CA  HA   sing N N 107 
GLU C   O    doub N N 108 
GLU C   OXT  sing N N 109 
GLU CB  CG   sing N N 110 
GLU CB  HB2  sing N N 111 
GLU CB  HB3  sing N N 112 
GLU CG  CD   sing N N 113 
GLU CG  HG2  sing N N 114 
GLU CG  HG3  sing N N 115 
GLU CD  OE1  doub N N 116 
GLU CD  OE2  sing N N 117 
GLU OE2 HE2  sing N N 118 
GLU OXT HXT  sing N N 119 
GLY N   CA   sing N N 120 
GLY N   H    sing N N 121 
GLY N   H2   sing N N 122 
GLY CA  C    sing N N 123 
GLY CA  HA2  sing N N 124 
GLY CA  HA3  sing N N 125 
GLY C   O    doub N N 126 
GLY C   OXT  sing N N 127 
GLY OXT HXT  sing N N 128 
HIS N   CA   sing N N 129 
HIS N   H    sing N N 130 
HIS N   H2   sing N N 131 
HIS CA  C    sing N N 132 
HIS CA  CB   sing N N 133 
HIS CA  HA   sing N N 134 
HIS C   O    doub N N 135 
HIS C   OXT  sing N N 136 
HIS CB  CG   sing N N 137 
HIS CB  HB2  sing N N 138 
HIS CB  HB3  sing N N 139 
HIS CG  ND1  sing Y N 140 
HIS CG  CD2  doub Y N 141 
HIS ND1 CE1  doub Y N 142 
HIS ND1 HD1  sing N N 143 
HIS CD2 NE2  sing Y N 144 
HIS CD2 HD2  sing N N 145 
HIS CE1 NE2  sing Y N 146 
HIS CE1 HE1  sing N N 147 
HIS NE2 HE2  sing N N 148 
HIS OXT HXT  sing N N 149 
ILE N   CA   sing N N 150 
ILE N   H    sing N N 151 
ILE N   H2   sing N N 152 
ILE CA  C    sing N N 153 
ILE CA  CB   sing N N 154 
ILE CA  HA   sing N N 155 
ILE C   O    doub N N 156 
ILE C   OXT  sing N N 157 
ILE CB  CG1  sing N N 158 
ILE CB  CG2  sing N N 159 
ILE CB  HB   sing N N 160 
ILE CG1 CD1  sing N N 161 
ILE CG1 HG12 sing N N 162 
ILE CG1 HG13 sing N N 163 
ILE CG2 HG21 sing N N 164 
ILE CG2 HG22 sing N N 165 
ILE CG2 HG23 sing N N 166 
ILE CD1 HD11 sing N N 167 
ILE CD1 HD12 sing N N 168 
ILE CD1 HD13 sing N N 169 
ILE OXT HXT  sing N N 170 
LEU N   CA   sing N N 171 
LEU N   H    sing N N 172 
LEU N   H2   sing N N 173 
LEU CA  C    sing N N 174 
LEU CA  CB   sing N N 175 
LEU CA  HA   sing N N 176 
LEU C   O    doub N N 177 
LEU C   OXT  sing N N 178 
LEU CB  CG   sing N N 179 
LEU CB  HB2  sing N N 180 
LEU CB  HB3  sing N N 181 
LEU CG  CD1  sing N N 182 
LEU CG  CD2  sing N N 183 
LEU CG  HG   sing N N 184 
LEU CD1 HD11 sing N N 185 
LEU CD1 HD12 sing N N 186 
LEU CD1 HD13 sing N N 187 
LEU CD2 HD21 sing N N 188 
LEU CD2 HD22 sing N N 189 
LEU CD2 HD23 sing N N 190 
LEU OXT HXT  sing N N 191 
LYS N   CA   sing N N 192 
LYS N   H    sing N N 193 
LYS N   H2   sing N N 194 
LYS CA  C    sing N N 195 
LYS CA  CB   sing N N 196 
LYS CA  HA   sing N N 197 
LYS C   O    doub N N 198 
LYS C   OXT  sing N N 199 
LYS CB  CG   sing N N 200 
LYS CB  HB2  sing N N 201 
LYS CB  HB3  sing N N 202 
LYS CG  CD   sing N N 203 
LYS CG  HG2  sing N N 204 
LYS CG  HG3  sing N N 205 
LYS CD  CE   sing N N 206 
LYS CD  HD2  sing N N 207 
LYS CD  HD3  sing N N 208 
LYS CE  NZ   sing N N 209 
LYS CE  HE2  sing N N 210 
LYS CE  HE3  sing N N 211 
LYS NZ  HZ1  sing N N 212 
LYS NZ  HZ2  sing N N 213 
LYS NZ  HZ3  sing N N 214 
LYS OXT HXT  sing N N 215 
MET N   CA   sing N N 216 
MET N   H    sing N N 217 
MET N   H2   sing N N 218 
MET CA  C    sing N N 219 
MET CA  CB   sing N N 220 
MET CA  HA   sing N N 221 
MET C   O    doub N N 222 
MET C   OXT  sing N N 223 
MET CB  CG   sing N N 224 
MET CB  HB2  sing N N 225 
MET CB  HB3  sing N N 226 
MET CG  SD   sing N N 227 
MET CG  HG2  sing N N 228 
MET CG  HG3  sing N N 229 
MET SD  CE   sing N N 230 
MET CE  HE1  sing N N 231 
MET CE  HE2  sing N N 232 
MET CE  HE3  sing N N 233 
MET OXT HXT  sing N N 234 
PRO N   CA   sing N N 235 
PRO N   CD   sing N N 236 
PRO N   H    sing N N 237 
PRO CA  C    sing N N 238 
PRO CA  CB   sing N N 239 
PRO CA  HA   sing N N 240 
PRO C   O    doub N N 241 
PRO C   OXT  sing N N 242 
PRO CB  CG   sing N N 243 
PRO CB  HB2  sing N N 244 
PRO CB  HB3  sing N N 245 
PRO CG  CD   sing N N 246 
PRO CG  HG2  sing N N 247 
PRO CG  HG3  sing N N 248 
PRO CD  HD2  sing N N 249 
PRO CD  HD3  sing N N 250 
PRO OXT HXT  sing N N 251 
SER N   CA   sing N N 252 
SER N   H    sing N N 253 
SER N   H2   sing N N 254 
SER CA  C    sing N N 255 
SER CA  CB   sing N N 256 
SER CA  HA   sing N N 257 
SER C   O    doub N N 258 
SER C   OXT  sing N N 259 
SER CB  OG   sing N N 260 
SER CB  HB2  sing N N 261 
SER CB  HB3  sing N N 262 
SER OG  HG   sing N N 263 
SER OXT HXT  sing N N 264 
THR N   CA   sing N N 265 
THR N   H    sing N N 266 
THR N   H2   sing N N 267 
THR CA  C    sing N N 268 
THR CA  CB   sing N N 269 
THR CA  HA   sing N N 270 
THR C   O    doub N N 271 
THR C   OXT  sing N N 272 
THR CB  OG1  sing N N 273 
THR CB  CG2  sing N N 274 
THR CB  HB   sing N N 275 
THR OG1 HG1  sing N N 276 
THR CG2 HG21 sing N N 277 
THR CG2 HG22 sing N N 278 
THR CG2 HG23 sing N N 279 
THR OXT HXT  sing N N 280 
TRP N   CA   sing N N 281 
TRP N   H    sing N N 282 
TRP N   H2   sing N N 283 
TRP CA  C    sing N N 284 
TRP CA  CB   sing N N 285 
TRP CA  HA   sing N N 286 
TRP C   O    doub N N 287 
TRP C   OXT  sing N N 288 
TRP CB  CG   sing N N 289 
TRP CB  HB2  sing N N 290 
TRP CB  HB3  sing N N 291 
TRP CG  CD1  doub Y N 292 
TRP CG  CD2  sing Y N 293 
TRP CD1 NE1  sing Y N 294 
TRP CD1 HD1  sing N N 295 
TRP CD2 CE2  doub Y N 296 
TRP CD2 CE3  sing Y N 297 
TRP NE1 CE2  sing Y N 298 
TRP NE1 HE1  sing N N 299 
TRP CE2 CZ2  sing Y N 300 
TRP CE3 CZ3  doub Y N 301 
TRP CE3 HE3  sing N N 302 
TRP CZ2 CH2  doub Y N 303 
TRP CZ2 HZ2  sing N N 304 
TRP CZ3 CH2  sing Y N 305 
TRP CZ3 HZ3  sing N N 306 
TRP CH2 HH2  sing N N 307 
TRP OXT HXT  sing N N 308 
TYR N   CA   sing N N 309 
TYR N   H    sing N N 310 
TYR N   H2   sing N N 311 
TYR CA  C    sing N N 312 
TYR CA  CB   sing N N 313 
TYR CA  HA   sing N N 314 
TYR C   O    doub N N 315 
TYR C   OXT  sing N N 316 
TYR CB  CG   sing N N 317 
TYR CB  HB2  sing N N 318 
TYR CB  HB3  sing N N 319 
TYR CG  CD1  doub Y N 320 
TYR CG  CD2  sing Y N 321 
TYR CD1 CE1  sing Y N 322 
TYR CD1 HD1  sing N N 323 
TYR CD2 CE2  doub Y N 324 
TYR CD2 HD2  sing N N 325 
TYR CE1 CZ   doub Y N 326 
TYR CE1 HE1  sing N N 327 
TYR CE2 CZ   sing Y N 328 
TYR CE2 HE2  sing N N 329 
TYR CZ  OH   sing N N 330 
TYR OH  HH   sing N N 331 
TYR OXT HXT  sing N N 332 
VAL N   CA   sing N N 333 
VAL N   H    sing N N 334 
VAL N   H2   sing N N 335 
VAL CA  C    sing N N 336 
VAL CA  CB   sing N N 337 
VAL CA  HA   sing N N 338 
VAL C   O    doub N N 339 
VAL C   OXT  sing N N 340 
VAL CB  CG1  sing N N 341 
VAL CB  CG2  sing N N 342 
VAL CB  HB   sing N N 343 
VAL CG1 HG11 sing N N 344 
VAL CG1 HG12 sing N N 345 
VAL CG1 HG13 sing N N 346 
VAL CG2 HG21 sing N N 347 
VAL CG2 HG22 sing N N 348 
VAL CG2 HG23 sing N N 349 
VAL OXT HXT  sing N N 350 
# 
_atom_sites.entry_id                    1TPM 
_atom_sites.fract_transf_matrix[1][1]   1.000000 
_atom_sites.fract_transf_matrix[1][2]   0.000000 
_atom_sites.fract_transf_matrix[1][3]   0.000000 
_atom_sites.fract_transf_matrix[2][1]   0.000000 
_atom_sites.fract_transf_matrix[2][2]   1.000000 
_atom_sites.fract_transf_matrix[2][3]   0.000000 
_atom_sites.fract_transf_matrix[3][1]   0.000000 
_atom_sites.fract_transf_matrix[3][2]   0.000000 
_atom_sites.fract_transf_matrix[3][3]   1.000000 
_atom_sites.fract_transf_vector[1]      0.00000 
_atom_sites.fract_transf_vector[2]      0.00000 
_atom_sites.fract_transf_vector[3]      0.00000 
# 
loop_
_atom_type.symbol 
C 
H 
N 
O 
S 
# 
loop_
_atom_site.group_PDB 
_atom_site.id 
_atom_site.type_symbol 
_atom_site.label_atom_id 
_atom_site.label_alt_id 
_atom_site.label_comp_id 
_atom_site.label_asym_id 
_atom_site.label_entity_id 
_atom_site.label_seq_id 
_atom_site.pdbx_PDB_ins_code 
_atom_site.Cartn_x 
_atom_site.Cartn_y 
_atom_site.Cartn_z 
_atom_site.occupancy 
_atom_site.B_iso_or_equiv 
_atom_site.pdbx_formal_charge 
_atom_site.auth_seq_id 
_atom_site.auth_comp_id 
_atom_site.auth_asym_id 
_atom_site.auth_atom_id 
_atom_site.pdbx_PDB_model_num 
ATOM 1   N N    . SER A 1 1  ? 19.211  -5.563  -11.146 1.00 0.00 ? 1  SER A N    1 
ATOM 2   C CA   . SER A 1 1  ? 17.935  -5.702  -11.889 1.00 0.00 ? 1  SER A CA   1 
ATOM 3   C C    . SER A 1 1  ? 17.097  -4.442  -11.727 1.00 0.00 ? 1  SER A C    1 
ATOM 4   O O    . SER A 1 1  ? 17.421  -3.573  -10.944 1.00 0.00 ? 1  SER A O    1 
ATOM 5   C CB   . SER A 1 1  ? 17.135  -6.894  -11.339 1.00 0.00 ? 1  SER A CB   1 
ATOM 6   O OG   . SER A 1 1  ? 17.502  -6.958  -9.969  1.00 0.00 ? 1  SER A OG   1 
ATOM 7   H H1   . SER A 1 1  ? 19.128  -4.787  -10.458 1.00 0.00 ? 1  SER A H1   1 
ATOM 8   H H2   . SER A 1 1  ? 19.419  -6.451  -10.646 1.00 0.00 ? 1  SER A H2   1 
ATOM 9   H H3   . SER A 1 1  ? 19.980  -5.352  -11.814 1.00 0.00 ? 1  SER A H3   1 
ATOM 10  H HA   . SER A 1 1  ? 18.159  -5.841  -12.947 1.00 0.00 ? 1  SER A HA   1 
ATOM 11  H HB2  . SER A 1 1  ? 16.072  -6.717  -11.432 1.00 0.00 ? 1  SER A HB2  1 
ATOM 12  H HB3  . SER A 1 1  ? 17.411  -7.807  -11.844 1.00 0.00 ? 1  SER A HB3  1 
ATOM 13  H HG   . SER A 1 1  ? 18.393  -7.313  -9.918  1.00 0.00 ? 1  SER A HG   1 
ATOM 14  N N    . TYR A 1 2  ? 16.028  -4.365  -12.473 1.00 0.00 ? 2  TYR A N    1 
ATOM 15  C CA   . TYR A 1 2  ? 15.159  -3.171  -12.373 1.00 0.00 ? 2  TYR A CA   1 
ATOM 16  C C    . TYR A 1 2  ? 14.431  -3.149  -11.033 1.00 0.00 ? 2  TYR A C    1 
ATOM 17  O O    . TYR A 1 2  ? 14.271  -4.174  -10.400 1.00 0.00 ? 2  TYR A O    1 
ATOM 18  C CB   . TYR A 1 2  ? 14.120  -3.232  -13.505 1.00 0.00 ? 2  TYR A CB   1 
ATOM 19  C CG   . TYR A 1 2  ? 14.589  -4.226  -14.570 1.00 0.00 ? 2  TYR A CG   1 
ATOM 20  C CD1  . TYR A 1 2  ? 15.584  -3.877  -15.462 1.00 0.00 ? 2  TYR A CD1  1 
ATOM 21  C CD2  . TYR A 1 2  ? 14.028  -5.485  -14.654 1.00 0.00 ? 2  TYR A CD2  1 
ATOM 22  C CE1  . TYR A 1 2  ? 16.010  -4.771  -16.423 1.00 0.00 ? 2  TYR A CE1  1 
ATOM 23  C CE2  . TYR A 1 2  ? 14.455  -6.380  -15.614 1.00 0.00 ? 2  TYR A CE2  1 
ATOM 24  C CZ   . TYR A 1 2  ? 15.449  -6.029  -16.507 1.00 0.00 ? 2  TYR A CZ   1 
ATOM 25  O OH   . TYR A 1 2  ? 15.875  -6.924  -17.468 1.00 0.00 ? 2  TYR A OH   1 
ATOM 26  H H    . TYR A 1 2  ? 15.803  -5.091  -13.091 1.00 0.00 ? 2  TYR A H    1 
ATOM 27  H HA   . TYR A 1 2  ? 15.773  -2.274  -12.458 1.00 0.00 ? 2  TYR A HA   1 
ATOM 28  H HB2  . TYR A 1 2  ? 13.167  -3.555  -13.110 1.00 0.00 ? 2  TYR A HB2  1 
ATOM 29  H HB3  . TYR A 1 2  ? 14.009  -2.256  -13.953 1.00 0.00 ? 2  TYR A HB3  1 
ATOM 30  H HD1  . TYR A 1 2  ? 16.031  -2.895  -15.408 1.00 0.00 ? 2  TYR A HD1  1 
ATOM 31  H HD2  . TYR A 1 2  ? 13.247  -5.770  -13.964 1.00 0.00 ? 2  TYR A HD2  1 
ATOM 32  H HE1  . TYR A 1 2  ? 16.789  -4.486  -17.114 1.00 0.00 ? 2  TYR A HE1  1 
ATOM 33  H HE2  . TYR A 1 2  ? 14.006  -7.362  -15.669 1.00 0.00 ? 2  TYR A HE2  1 
ATOM 34  H HH   . TYR A 1 2  ? 15.099  -7.266  -17.920 1.00 0.00 ? 2  TYR A HH   1 
ATOM 35  N N    . GLN A 1 3  ? 14.005  -1.976  -10.627 1.00 0.00 ? 3  GLN A N    1 
ATOM 36  C CA   . GLN A 1 3  ? 13.283  -1.858  -9.327  1.00 0.00 ? 3  GLN A CA   1 
ATOM 37  C C    . GLN A 1 3  ? 11.987  -1.075  -9.494  1.00 0.00 ? 3  GLN A C    1 
ATOM 38  O O    . GLN A 1 3  ? 11.985  0.139   -9.460  1.00 0.00 ? 3  GLN A O    1 
ATOM 39  C CB   . GLN A 1 3  ? 14.189  -1.108  -8.339  1.00 0.00 ? 3  GLN A CB   1 
ATOM 40  C CG   . GLN A 1 3  ? 14.953  -2.125  -7.488  1.00 0.00 ? 3  GLN A CG   1 
ATOM 41  C CD   . GLN A 1 3  ? 16.157  -1.440  -6.837  1.00 0.00 ? 3  GLN A CD   1 
ATOM 42  O OE1  . GLN A 1 3  ? 16.236  -1.314  -5.631  1.00 0.00 ? 3  GLN A OE1  1 
ATOM 43  N NE2  . GLN A 1 3  ? 17.115  -0.986  -7.598  1.00 0.00 ? 3  GLN A NE2  1 
ATOM 44  H H    . GLN A 1 3  ? 14.161  -1.179  -11.177 1.00 0.00 ? 3  GLN A H    1 
ATOM 45  H HA   . GLN A 1 3  ? 13.046  -2.853  -8.956  1.00 0.00 ? 3  GLN A HA   1 
ATOM 46  H HB2  . GLN A 1 3  ? 14.889  -0.491  -8.884  1.00 0.00 ? 3  GLN A HB2  1 
ATOM 47  H HB3  . GLN A 1 3  ? 13.586  -0.480  -7.700  1.00 0.00 ? 3  GLN A HB3  1 
ATOM 48  H HG2  . GLN A 1 3  ? 14.305  -2.517  -6.718  1.00 0.00 ? 3  GLN A HG2  1 
ATOM 49  H HG3  . GLN A 1 3  ? 15.298  -2.938  -8.111  1.00 0.00 ? 3  GLN A HG3  1 
ATOM 50  H HE21 . GLN A 1 3  ? 17.057  -1.085  -8.570  1.00 0.00 ? 3  GLN A HE21 1 
ATOM 51  H HE22 . GLN A 1 3  ? 17.894  -0.546  -7.196  1.00 0.00 ? 3  GLN A HE22 1 
ATOM 52  N N    . VAL A 1 4  ? 10.905  -1.792  -9.672  1.00 0.00 ? 4  VAL A N    1 
ATOM 53  C CA   . VAL A 1 4  ? 9.592   -1.124  -9.844  1.00 0.00 ? 4  VAL A CA   1 
ATOM 54  C C    . VAL A 1 4  ? 8.534   -1.801  -8.986  1.00 0.00 ? 4  VAL A C    1 
ATOM 55  O O    . VAL A 1 4  ? 7.521   -1.215  -8.664  1.00 0.00 ? 4  VAL A O    1 
ATOM 56  C CB   . VAL A 1 4  ? 9.180   -1.258  -11.313 1.00 0.00 ? 4  VAL A CB   1 
ATOM 57  C CG1  . VAL A 1 4  ? 9.685   -0.044  -12.101 1.00 0.00 ? 4  VAL A CG1  1 
ATOM 58  C CG2  . VAL A 1 4  ? 9.795   -2.533  -11.890 1.00 0.00 ? 4  VAL A CG2  1 
ATOM 59  H H    . VAL A 1 4  ? 10.960  -2.768  -9.697  1.00 0.00 ? 4  VAL A H    1 
ATOM 60  H HA   . VAL A 1 4  ? 9.673   -0.080  -9.553  1.00 0.00 ? 4  VAL A HA   1 
ATOM 61  H HB   . VAL A 1 4  ? 8.109   -1.314  -11.380 1.00 0.00 ? 4  VAL A HB   1 
ATOM 62  H HG11 . VAL A 1 4  ? 9.294   0.863   -11.663 1.00 0.00 ? 4  VAL A HG11 1 
ATOM 63  H HG12 . VAL A 1 4  ? 10.764  -0.015  -12.074 1.00 0.00 ? 4  VAL A HG12 1 
ATOM 64  H HG13 . VAL A 1 4  ? 9.357   -0.114  -13.127 1.00 0.00 ? 4  VAL A HG13 1 
ATOM 65  H HG21 . VAL A 1 4  ? 9.748   -3.325  -11.158 1.00 0.00 ? 4  VAL A HG21 1 
ATOM 66  H HG22 . VAL A 1 4  ? 9.252   -2.834  -12.773 1.00 0.00 ? 4  VAL A HG22 1 
ATOM 67  H HG23 . VAL A 1 4  ? 10.828  -2.354  -12.154 1.00 0.00 ? 4  VAL A HG23 1 
ATOM 68  N N    . ILE A 1 5  ? 8.789   -3.028  -8.629  1.00 0.00 ? 5  ILE A N    1 
ATOM 69  C CA   . ILE A 1 5  ? 7.814   -3.758  -7.796  1.00 0.00 ? 5  ILE A CA   1 
ATOM 70  C C    . ILE A 1 5  ? 7.748   -3.166  -6.389  1.00 0.00 ? 5  ILE A C    1 
ATOM 71  O O    . ILE A 1 5  ? 8.499   -2.273  -6.051  1.00 0.00 ? 5  ILE A O    1 
ATOM 72  C CB   . ILE A 1 5  ? 8.263   -5.211  -7.701  1.00 0.00 ? 5  ILE A CB   1 
ATOM 73  C CG1  . ILE A 1 5  ? 9.741   -5.272  -7.354  1.00 0.00 ? 5  ILE A CG1  1 
ATOM 74  C CG2  . ILE A 1 5  ? 8.054   -5.880  -9.073  1.00 0.00 ? 5  ILE A CG2  1 
ATOM 75  C CD1  . ILE A 1 5  ? 9.974   -6.394  -6.339  1.00 0.00 ? 5  ILE A CD1  1 
ATOM 76  H H    . ILE A 1 5  ? 9.620   -3.464  -8.909  1.00 0.00 ? 5  ILE A H    1 
ATOM 77  H HA   . ILE A 1 5  ? 6.834   -3.686  -8.258  1.00 0.00 ? 5  ILE A HA   1 
ATOM 78  H HB   . ILE A 1 5  ? 7.687   -5.713  -6.931  1.00 0.00 ? 5  ILE A HB   1 
ATOM 79  H HG12 . ILE A 1 5  ? 10.317  -5.465  -8.247  1.00 0.00 ? 5  ILE A HG12 1 
ATOM 80  H HG13 . ILE A 1 5  ? 10.051  -4.330  -6.931  1.00 0.00 ? 5  ILE A HG13 1 
ATOM 81  H HG21 . ILE A 1 5  ? 8.447   -5.243  -9.852  1.00 0.00 ? 5  ILE A HG21 1 
ATOM 82  H HG22 . ILE A 1 5  ? 8.569   -6.829  -9.097  1.00 0.00 ? 5  ILE A HG22 1 
ATOM 83  H HG23 . ILE A 1 5  ? 7.001   -6.043  -9.242  1.00 0.00 ? 5  ILE A HG23 1 
ATOM 84  H HD11 . ILE A 1 5  ? 9.410   -7.270  -6.628  1.00 0.00 ? 5  ILE A HD11 1 
ATOM 85  H HD12 . ILE A 1 5  ? 11.025  -6.642  -6.306  1.00 0.00 ? 5  ILE A HD12 1 
ATOM 86  H HD13 . ILE A 1 5  ? 9.653   -6.072  -5.360  1.00 0.00 ? 5  ILE A HD13 1 
ATOM 87  N N    . CYS A 1 6  ? 6.843   -3.679  -5.592  1.00 0.00 ? 6  CYS A N    1 
ATOM 88  C CA   . CYS A 1 6  ? 6.705   -3.165  -4.204  1.00 0.00 ? 6  CYS A CA   1 
ATOM 89  C C    . CYS A 1 6  ? 6.388   -4.303  -3.243  1.00 0.00 ? 6  CYS A C    1 
ATOM 90  O O    . CYS A 1 6  ? 5.259   -4.739  -3.152  1.00 0.00 ? 6  CYS A O    1 
ATOM 91  C CB   . CYS A 1 6  ? 5.539   -2.166  -4.177  1.00 0.00 ? 6  CYS A CB   1 
ATOM 92  S SG   . CYS A 1 6  ? 5.947   -0.403  -4.141  1.00 0.00 ? 6  CYS A SG   1 
ATOM 93  H H    . CYS A 1 6  ? 6.260   -4.398  -5.909  1.00 0.00 ? 6  CYS A H    1 
ATOM 94  H HA   . CYS A 1 6  ? 7.636   -2.687  -3.901  1.00 0.00 ? 6  CYS A HA   1 
ATOM 95  H HB2  . CYS A 1 6  ? 4.927   -2.343  -5.050  1.00 0.00 ? 6  CYS A HB2  1 
ATOM 96  H HB3  . CYS A 1 6  ? 4.937   -2.381  -3.307  1.00 0.00 ? 6  CYS A HB3  1 
ATOM 97  N N    . ARG A 1 7  ? 7.386   -4.765  -2.541  1.00 0.00 ? 7  ARG A N    1 
ATOM 98  C CA   . ARG A 1 7  ? 7.145   -5.872  -1.589  1.00 0.00 ? 7  ARG A CA   1 
ATOM 99  C C    . ARG A 1 7  ? 6.507   -5.372  -0.298  1.00 0.00 ? 7  ARG A C    1 
ATOM 100 O O    . ARG A 1 7  ? 7.122   -4.654  0.465   1.00 0.00 ? 7  ARG A O    1 
ATOM 101 C CB   . ARG A 1 7  ? 8.489   -6.515  -1.245  1.00 0.00 ? 7  ARG A CB   1 
ATOM 102 C CG   . ARG A 1 7  ? 8.233   -7.762  -0.391  1.00 0.00 ? 7  ARG A CG   1 
ATOM 103 C CD   . ARG A 1 7  ? 9.514   -8.600  -0.309  1.00 0.00 ? 7  ARG A CD   1 
ATOM 104 N NE   . ARG A 1 7  ? 10.699  -7.701  -0.401  1.00 0.00 ? 7  ARG A NE   1 
ATOM 105 C CZ   . ARG A 1 7  ? 11.880  -8.170  -0.103  1.00 0.00 ? 7  ARG A CZ   1 
ATOM 106 N NH1  . ARG A 1 7  ? 12.278  -9.278  -0.664  1.00 0.00 ? 7  ARG A NH1  1 
ATOM 107 N NH2  . ARG A 1 7  ? 12.623  -7.514  0.745   1.00 0.00 ? 7  ARG A NH2  1 
ATOM 108 H H    . ARG A 1 7  ? 8.285   -4.389  -2.643  1.00 0.00 ? 7  ARG A H    1 
ATOM 109 H HA   . ARG A 1 7  ? 6.482   -6.595  -2.053  1.00 0.00 ? 7  ARG A HA   1 
ATOM 110 H HB2  . ARG A 1 7  ? 9.001   -6.792  -2.154  1.00 0.00 ? 7  ARG A HB2  1 
ATOM 111 H HB3  . ARG A 1 7  ? 9.094   -5.812  -0.694  1.00 0.00 ? 7  ARG A HB3  1 
ATOM 112 H HG2  . ARG A 1 7  ? 7.929   -7.463  0.602   1.00 0.00 ? 7  ARG A HG2  1 
ATOM 113 H HG3  . ARG A 1 7  ? 7.445   -8.350  -0.836  1.00 0.00 ? 7  ARG A HG3  1 
ATOM 114 H HD2  . ARG A 1 7  ? 9.543   -9.134  0.629   1.00 0.00 ? 7  ARG A HD2  1 
ATOM 115 H HD3  . ARG A 1 7  ? 9.540   -9.310  -1.124  1.00 0.00 ? 7  ARG A HD3  1 
ATOM 116 H HE   . ARG A 1 7  ? 10.594  -6.770  -0.682  1.00 0.00 ? 7  ARG A HE   1 
ATOM 117 H HH11 . ARG A 1 7  ? 11.680  -9.753  -1.310  1.00 0.00 ? 7  ARG A HH11 1 
ATOM 118 H HH12 . ARG A 1 7  ? 13.178  -9.654  -0.446  1.00 0.00 ? 7  ARG A HH12 1 
ATOM 119 H HH21 . ARG A 1 7  ? 12.286  -6.666  1.155   1.00 0.00 ? 7  ARG A HH21 1 
ATOM 120 H HH22 . ARG A 1 7  ? 13.530  -7.859  0.987   1.00 0.00 ? 7  ARG A HH22 1 
ATOM 121 N N    . ASP A 1 8  ? 5.280   -5.765  -0.081  1.00 0.00 ? 8  ASP A N    1 
ATOM 122 C CA   . ASP A 1 8  ? 4.577   -5.328  1.154   1.00 0.00 ? 8  ASP A CA   1 
ATOM 123 C C    . ASP A 1 8  ? 4.668   -6.406  2.232   1.00 0.00 ? 8  ASP A C    1 
ATOM 124 O O    . ASP A 1 8  ? 4.119   -7.483  2.083   1.00 0.00 ? 8  ASP A O    1 
ATOM 125 C CB   . ASP A 1 8  ? 3.103   -5.095  0.812   1.00 0.00 ? 8  ASP A CB   1 
ATOM 126 C CG   . ASP A 1 8  ? 2.430   -4.351  1.964   1.00 0.00 ? 8  ASP A CG   1 
ATOM 127 O OD1  . ASP A 1 8  ? 3.009   -3.360  2.381   1.00 0.00 ? 8  ASP A OD1  1 
ATOM 128 O OD2  . ASP A 1 8  ? 1.378   -4.815  2.362   1.00 0.00 ? 8  ASP A OD2  1 
ATOM 129 H H    . ASP A 1 8  ? 4.822   -6.338  -0.732  1.00 0.00 ? 8  ASP A H    1 
ATOM 130 H HA   . ASP A 1 8  ? 5.038   -4.414  1.521   1.00 0.00 ? 8  ASP A HA   1 
ATOM 131 H HB2  . ASP A 1 8  ? 3.028   -4.505  -0.085  1.00 0.00 ? 8  ASP A HB2  1 
ATOM 132 H HB3  . ASP A 1 8  ? 2.606   -6.044  0.662   1.00 0.00 ? 8  ASP A HB3  1 
ATOM 133 N N    . GLU A 1 9  ? 5.362   -6.097  3.302   1.00 0.00 ? 9  GLU A N    1 
ATOM 134 C CA   . GLU A 1 9  ? 5.504   -7.085  4.397   1.00 0.00 ? 9  GLU A CA   1 
ATOM 135 C C    . GLU A 1 9  ? 4.241   -7.155  5.248   1.00 0.00 ? 9  GLU A C    1 
ATOM 136 O O    . GLU A 1 9  ? 4.088   -8.043  6.063   1.00 0.00 ? 9  GLU A O    1 
ATOM 137 C CB   . GLU A 1 9  ? 6.671   -6.642  5.288   1.00 0.00 ? 9  GLU A CB   1 
ATOM 138 C CG   . GLU A 1 9  ? 6.297   -5.336  5.994   1.00 0.00 ? 9  GLU A CG   1 
ATOM 139 C CD   . GLU A 1 9  ? 7.558   -4.700  6.589   1.00 0.00 ? 9  GLU A CD   1 
ATOM 140 O OE1  . GLU A 1 9  ? 8.247   -5.420  7.294   1.00 0.00 ? 9  GLU A OE1  1 
ATOM 141 O OE2  . GLU A 1 9  ? 7.760   -3.531  6.304   1.00 0.00 ? 9  GLU A OE2  1 
ATOM 142 H H    . GLU A 1 9  ? 5.784   -5.220  3.377   1.00 0.00 ? 9  GLU A H    1 
ATOM 143 H HA   . GLU A 1 9  ? 5.698   -8.066  3.969   1.00 0.00 ? 9  GLU A HA   1 
ATOM 144 H HB2  . GLU A 1 9  ? 6.875   -7.403  6.018   1.00 0.00 ? 9  GLU A HB2  1 
ATOM 145 H HB3  . GLU A 1 9  ? 7.550   -6.489  4.680   1.00 0.00 ? 9  GLU A HB3  1 
ATOM 146 H HG2  . GLU A 1 9  ? 5.852   -4.653  5.288   1.00 0.00 ? 9  GLU A HG2  1 
ATOM 147 H HG3  . GLU A 1 9  ? 5.594   -5.538  6.788   1.00 0.00 ? 9  GLU A HG3  1 
ATOM 148 N N    . LYS A 1 10 ? 3.357   -6.217  5.046   1.00 0.00 ? 10 LYS A N    1 
ATOM 149 C CA   . LYS A 1 10 ? 2.102   -6.220  5.839   1.00 0.00 ? 10 LYS A CA   1 
ATOM 150 C C    . LYS A 1 10 ? 1.256   -7.424  5.463   1.00 0.00 ? 10 LYS A C    1 
ATOM 151 O O    . LYS A 1 10 ? 0.372   -7.826  6.193   1.00 0.00 ? 10 LYS A O    1 
ATOM 152 C CB   . LYS A 1 10 ? 1.315   -4.934  5.518   1.00 0.00 ? 10 LYS A CB   1 
ATOM 153 C CG   . LYS A 1 10 ? 1.361   -3.981  6.724   1.00 0.00 ? 10 LYS A CG   1 
ATOM 154 C CD   . LYS A 1 10 ? 2.789   -3.453  6.907   1.00 0.00 ? 10 LYS A CD   1 
ATOM 155 C CE   . LYS A 1 10 ? 3.097   -3.356  8.402   1.00 0.00 ? 10 LYS A CE   1 
ATOM 156 N NZ   . LYS A 1 10 ? 2.116   -2.459  9.078   1.00 0.00 ? 10 LYS A NZ   1 
ATOM 157 H H    . LYS A 1 10 ? 3.516   -5.526  4.372   1.00 0.00 ? 10 LYS A H    1 
ATOM 158 H HA   . LYS A 1 10 ? 2.351   -6.277  6.898   1.00 0.00 ? 10 LYS A HA   1 
ATOM 159 H HB2  . LYS A 1 10 ? 1.752   -4.450  4.659   1.00 0.00 ? 10 LYS A HB2  1 
ATOM 160 H HB3  . LYS A 1 10 ? 0.289   -5.185  5.296   1.00 0.00 ? 10 LYS A HB3  1 
ATOM 161 H HG2  . LYS A 1 10 ? 0.691   -3.152  6.551   1.00 0.00 ? 10 LYS A HG2  1 
ATOM 162 H HG3  . LYS A 1 10 ? 1.050   -4.504  7.616   1.00 0.00 ? 10 LYS A HG3  1 
ATOM 163 H HD2  . LYS A 1 10 ? 3.492   -4.120  6.435   1.00 0.00 ? 10 LYS A HD2  1 
ATOM 164 H HD3  . LYS A 1 10 ? 2.874   -2.475  6.457   1.00 0.00 ? 10 LYS A HD3  1 
ATOM 165 H HE2  . LYS A 1 10 ? 3.042   -4.339  8.848   1.00 0.00 ? 10 LYS A HE2  1 
ATOM 166 H HE3  . LYS A 1 10 ? 4.091   -2.960  8.542   1.00 0.00 ? 10 LYS A HE3  1 
ATOM 167 H HZ1  . LYS A 1 10 ? 2.065   -1.554  8.567   1.00 0.00 ? 10 LYS A HZ1  1 
ATOM 168 H HZ2  . LYS A 1 10 ? 1.180   -2.910  9.080   1.00 0.00 ? 10 LYS A HZ2  1 
ATOM 169 H HZ3  . LYS A 1 10 ? 2.421   -2.288  10.057  1.00 0.00 ? 10 LYS A HZ3  1 
ATOM 170 N N    . THR A 1 11 ? 1.546   -7.974  4.323   1.00 0.00 ? 11 THR A N    1 
ATOM 171 C CA   . THR A 1 11 ? 0.788   -9.152  3.860   1.00 0.00 ? 11 THR A CA   1 
ATOM 172 C C    . THR A 1 11 ? 1.699   -10.060 3.050   1.00 0.00 ? 11 THR A C    1 
ATOM 173 O O    . THR A 1 11 ? 1.337   -11.164 2.708   1.00 0.00 ? 11 THR A O    1 
ATOM 174 C CB   . THR A 1 11 ? -0.361  -8.671  2.967   1.00 0.00 ? 11 THR A CB   1 
ATOM 175 O OG1  . THR A 1 11 ? -0.435  -9.611  1.915   1.00 0.00 ? 11 THR A OG1  1 
ATOM 176 C CG2  . THR A 1 11 ? -0.002  -7.347  2.279   1.00 0.00 ? 11 THR A CG2  1 
ATOM 177 H H    . THR A 1 11 ? 2.267   -7.605  3.771   1.00 0.00 ? 11 THR A H    1 
ATOM 178 H HA   . THR A 1 11 ? 0.412   -9.698  4.725   1.00 0.00 ? 11 THR A HA   1 
ATOM 179 H HB   . THR A 1 11 ? -1.302  -8.624  3.510   1.00 0.00 ? 11 THR A HB   1 
ATOM 180 H HG1  . THR A 1 11 ? -1.127  -10.241 2.130   1.00 0.00 ? 11 THR A HG1  1 
ATOM 181 H HG21 . THR A 1 11 ? 1.046   -7.342  2.022   1.00 0.00 ? 11 THR A HG21 1 
ATOM 182 H HG22 . THR A 1 11 ? -0.589  -7.234  1.379   1.00 0.00 ? 11 THR A HG22 1 
ATOM 183 H HG23 . THR A 1 11 ? -0.210  -6.521  2.944   1.00 0.00 ? 11 THR A HG23 1 
ATOM 184 N N    . GLN A 1 12 ? 2.874   -9.556  2.757   1.00 0.00 ? 12 GLN A N    1 
ATOM 185 C CA   . GLN A 1 12 ? 3.853   -10.346 1.970   1.00 0.00 ? 12 GLN A CA   1 
ATOM 186 C C    . GLN A 1 12 ? 3.411   -10.423 0.530   1.00 0.00 ? 12 GLN A C    1 
ATOM 187 O O    . GLN A 1 12 ? 3.667   -11.397 -0.153  1.00 0.00 ? 12 GLN A O    1 
ATOM 188 C CB   . GLN A 1 12 ? 3.931   -11.776 2.544   1.00 0.00 ? 12 GLN A CB   1 
ATOM 189 C CG   . GLN A 1 12 ? 5.331   -12.351 2.284   1.00 0.00 ? 12 GLN A CG   1 
ATOM 190 C CD   . GLN A 1 12 ? 5.224   -13.865 2.070   1.00 0.00 ? 12 GLN A CD   1 
ATOM 191 O OE1  . GLN A 1 12 ? 4.337   -14.348 1.396   1.00 0.00 ? 12 GLN A OE1  1 
ATOM 192 N NE2  . GLN A 1 12 ? 6.109   -14.650 2.625   1.00 0.00 ? 12 GLN A NE2  1 
ATOM 193 H H    . GLN A 1 12 ? 3.097   -8.647  3.038   1.00 0.00 ? 12 GLN A H    1 
ATOM 194 H HA   . GLN A 1 12 ? 4.824   -9.849  2.020   1.00 0.00 ? 12 GLN A HA   1 
ATOM 195 H HB2  . GLN A 1 12 ? 3.739   -11.753 3.605   1.00 0.00 ? 12 GLN A HB2  1 
ATOM 196 H HB3  . GLN A 1 12 ? 3.194   -12.400 2.063   1.00 0.00 ? 12 GLN A HB3  1 
ATOM 197 H HG2  . GLN A 1 12 ? 5.757   -11.898 1.401   1.00 0.00 ? 12 GLN A HG2  1 
ATOM 198 H HG3  . GLN A 1 12 ? 5.971   -12.155 3.131   1.00 0.00 ? 12 GLN A HG3  1 
ATOM 199 H HE21 . GLN A 1 12 ? 6.830   -14.269 3.169   1.00 0.00 ? 12 GLN A HE21 1 
ATOM 200 H HE22 . GLN A 1 12 ? 6.051   -15.620 2.498   1.00 0.00 ? 12 GLN A HE22 1 
ATOM 201 N N    . MET A 1 13 ? 2.754   -9.384  0.092   1.00 0.00 ? 13 MET A N    1 
ATOM 202 C CA   . MET A 1 13 ? 2.272   -9.348  -1.301  1.00 0.00 ? 13 MET A CA   1 
ATOM 203 C C    . MET A 1 13 ? 3.033   -8.315  -2.115  1.00 0.00 ? 13 MET A C    1 
ATOM 204 O O    . MET A 1 13 ? 3.160   -7.176  -1.713  1.00 0.00 ? 13 MET A O    1 
ATOM 205 C CB   . MET A 1 13 ? 0.792   -8.960  -1.269  1.00 0.00 ? 13 MET A CB   1 
ATOM 206 C CG   . MET A 1 13 ? 0.113   -9.463  -2.539  1.00 0.00 ? 13 MET A CG   1 
ATOM 207 S SD   . MET A 1 13 ? -0.376  -11.204 -2.582  1.00 0.00 ? 13 MET A SD   1 
ATOM 208 C CE   . MET A 1 13 ? -0.589  -11.332 -4.374  1.00 0.00 ? 13 MET A CE   1 
ATOM 209 H H    . MET A 1 13 ? 2.585   -8.623  0.689   1.00 0.00 ? 13 MET A H    1 
ATOM 210 H HA   . MET A 1 13 ? 2.403   -10.324 -1.751  1.00 0.00 ? 13 MET A HA   1 
ATOM 211 H HB2  . MET A 1 13 ? 0.320   -9.406  -0.405  1.00 0.00 ? 13 MET A HB2  1 
ATOM 212 H HB3  . MET A 1 13 ? 0.702   -7.889  -1.208  1.00 0.00 ? 13 MET A HB3  1 
ATOM 213 H HG2  . MET A 1 13 ? -0.772  -8.870  -2.702  1.00 0.00 ? 13 MET A HG2  1 
ATOM 214 H HG3  . MET A 1 13 ? 0.781   -9.289  -3.368  1.00 0.00 ? 13 MET A HG3  1 
ATOM 215 H HE1  . MET A 1 13 ? 0.324   -11.036 -4.868  1.00 0.00 ? 13 MET A HE1  1 
ATOM 216 H HE2  . MET A 1 13 ? -0.825  -12.353 -4.637  1.00 0.00 ? 13 MET A HE2  1 
ATOM 217 H HE3  . MET A 1 13 ? -1.395  -10.685 -4.688  1.00 0.00 ? 13 MET A HE3  1 
ATOM 218 N N    . ILE A 1 14 ? 3.526   -8.730  -3.250  1.00 0.00 ? 14 ILE A N    1 
ATOM 219 C CA   . ILE A 1 14 ? 4.278   -7.789  -4.101  1.00 0.00 ? 14 ILE A CA   1 
ATOM 220 C C    . ILE A 1 14 ? 3.373   -7.174  -5.151  1.00 0.00 ? 14 ILE A C    1 
ATOM 221 O O    . ILE A 1 14 ? 2.506   -7.834  -5.689  1.00 0.00 ? 14 ILE A O    1 
ATOM 222 C CB   . ILE A 1 14 ? 5.392   -8.563  -4.787  1.00 0.00 ? 14 ILE A CB   1 
ATOM 223 C CG1  . ILE A 1 14 ? 6.129   -9.402  -3.752  1.00 0.00 ? 14 ILE A CG1  1 
ATOM 224 C CG2  . ILE A 1 14 ? 6.381   -7.559  -5.404  1.00 0.00 ? 14 ILE A CG2  1 
ATOM 225 C CD1  . ILE A 1 14 ? 7.422   -9.937  -4.362  1.00 0.00 ? 14 ILE A CD1  1 
ATOM 226 H H    . ILE A 1 14 ? 3.399   -9.659  -3.536  1.00 0.00 ? 14 ILE A H    1 
ATOM 227 H HA   . ILE A 1 14 ? 4.685   -6.997  -3.479  1.00 0.00 ? 14 ILE A HA   1 
ATOM 228 H HB   . ILE A 1 14 ? 4.963   -9.216  -5.547  1.00 0.00 ? 14 ILE A HB   1 
ATOM 229 H HG12 . ILE A 1 14 ? 6.360   -8.792  -2.891  1.00 0.00 ? 14 ILE A HG12 1 
ATOM 230 H HG13 . ILE A 1 14 ? 5.504   -10.226 -3.442  1.00 0.00 ? 14 ILE A HG13 1 
ATOM 231 H HG21 . ILE A 1 14 ? 5.838   -6.766  -5.896  1.00 0.00 ? 14 ILE A HG21 1 
ATOM 232 H HG22 . ILE A 1 14 ? 7.001   -7.135  -4.628  1.00 0.00 ? 14 ILE A HG22 1 
ATOM 233 H HG23 . ILE A 1 14 ? 7.008   -8.060  -6.126  1.00 0.00 ? 14 ILE A HG23 1 
ATOM 234 H HD11 . ILE A 1 14 ? 7.240   -10.263 -5.373  1.00 0.00 ? 14 ILE A HD11 1 
ATOM 235 H HD12 . ILE A 1 14 ? 8.171   -9.158  -4.368  1.00 0.00 ? 14 ILE A HD12 1 
ATOM 236 H HD13 . ILE A 1 14 ? 7.781   -10.771 -3.778  1.00 0.00 ? 14 ILE A HD13 1 
ATOM 237 N N    . TYR A 1 15 ? 3.597   -5.912  -5.424  1.00 0.00 ? 15 TYR A N    1 
ATOM 238 C CA   . TYR A 1 15 ? 2.765   -5.212  -6.434  1.00 0.00 ? 15 TYR A CA   1 
ATOM 239 C C    . TYR A 1 15 ? 3.636   -4.579  -7.513  1.00 0.00 ? 15 TYR A C    1 
ATOM 240 O O    . TYR A 1 15 ? 4.841   -4.545  -7.398  1.00 0.00 ? 15 TYR A O    1 
ATOM 241 C CB   . TYR A 1 15 ? 1.981   -4.109  -5.709  1.00 0.00 ? 15 TYR A CB   1 
ATOM 242 C CG   . TYR A 1 15 ? 1.133   -4.751  -4.606  1.00 0.00 ? 15 TYR A CG   1 
ATOM 243 C CD1  . TYR A 1 15 ? -0.139  -5.205  -4.880  1.00 0.00 ? 15 TYR A CD1  1 
ATOM 244 C CD2  . TYR A 1 15 ? 1.636   -4.898  -3.327  1.00 0.00 ? 15 TYR A CD2  1 
ATOM 245 C CE1  . TYR A 1 15 ? -0.900  -5.797  -3.894  1.00 0.00 ? 15 TYR A CE1  1 
ATOM 246 C CE2  . TYR A 1 15 ? 0.873   -5.491  -2.339  1.00 0.00 ? 15 TYR A CE2  1 
ATOM 247 C CZ   . TYR A 1 15 ? -0.402  -5.946  -2.617  1.00 0.00 ? 15 TYR A CZ   1 
ATOM 248 O OH   . TYR A 1 15 ? -1.163  -6.544  -1.637  1.00 0.00 ? 15 TYR A OH   1 
ATOM 249 H H    . TYR A 1 15 ? 4.315   -5.431  -4.961  1.00 0.00 ? 15 TYR A H    1 
ATOM 250 H HA   . TYR A 1 15 ? 2.088   -5.922  -6.902  1.00 0.00 ? 15 TYR A HA   1 
ATOM 251 H HB2  . TYR A 1 15 ? 2.666   -3.400  -5.267  1.00 0.00 ? 15 TYR A HB2  1 
ATOM 252 H HB3  . TYR A 1 15 ? 1.336   -3.596  -6.406  1.00 0.00 ? 15 TYR A HB3  1 
ATOM 253 H HD1  . TYR A 1 15 ? -0.542  -5.099  -5.875  1.00 0.00 ? 15 TYR A HD1  1 
ATOM 254 H HD2  . TYR A 1 15 ? 2.632   -4.548  -3.096  1.00 0.00 ? 15 TYR A HD2  1 
ATOM 255 H HE1  . TYR A 1 15 ? -1.894  -6.148  -4.124  1.00 0.00 ? 15 TYR A HE1  1 
ATOM 256 H HE2  . TYR A 1 15 ? 1.276   -5.600  -1.341  1.00 0.00 ? 15 TYR A HE2  1 
ATOM 257 H HH   . TYR A 1 15 ? -1.498  -7.373  -1.986  1.00 0.00 ? 15 TYR A HH   1 
ATOM 258 N N    . GLN A 1 16 ? 3.002   -4.089  -8.546  1.00 0.00 ? 16 GLN A N    1 
ATOM 259 C CA   . GLN A 1 16 ? 3.766   -3.457  -9.641  1.00 0.00 ? 16 GLN A CA   1 
ATOM 260 C C    . GLN A 1 16 ? 3.969   -1.976  -9.392  1.00 0.00 ? 16 GLN A C    1 
ATOM 261 O O    . GLN A 1 16 ? 3.775   -1.486  -8.298  1.00 0.00 ? 16 GLN A O    1 
ATOM 262 C CB   . GLN A 1 16 ? 2.969   -3.631  -10.938 1.00 0.00 ? 16 GLN A CB   1 
ATOM 263 C CG   . GLN A 1 16 ? 2.609   -5.107  -11.118 1.00 0.00 ? 16 GLN A CG   1 
ATOM 264 C CD   . GLN A 1 16 ? 2.374   -5.393  -12.602 1.00 0.00 ? 16 GLN A CD   1 
ATOM 265 O OE1  . GLN A 1 16 ? 3.116   -6.120  -13.232 1.00 0.00 ? 16 GLN A OE1  1 
ATOM 266 N NE2  . GLN A 1 16 ? 1.354   -4.838  -13.201 1.00 0.00 ? 16 GLN A NE2  1 
ATOM 267 H H    . GLN A 1 16 ? 2.028   -4.142  -8.597  1.00 0.00 ? 16 GLN A H    1 
ATOM 268 H HA   . GLN A 1 16 ? 4.740   -3.932  -9.723  1.00 0.00 ? 16 GLN A HA   1 
ATOM 269 H HB2  . GLN A 1 16 ? 2.066   -3.041  -10.891 1.00 0.00 ? 16 GLN A HB2  1 
ATOM 270 H HB3  . GLN A 1 16 ? 3.561   -3.302  -11.770 1.00 0.00 ? 16 GLN A HB3  1 
ATOM 271 H HG2  . GLN A 1 16 ? 3.415   -5.729  -10.758 1.00 0.00 ? 16 GLN A HG2  1 
ATOM 272 H HG3  . GLN A 1 16 ? 1.709   -5.335  -10.565 1.00 0.00 ? 16 GLN A HG3  1 
ATOM 273 H HE21 . GLN A 1 16 ? 0.751   -4.250  -12.699 1.00 0.00 ? 16 GLN A HE21 1 
ATOM 274 H HE22 . GLN A 1 16 ? 1.188   -5.011  -14.151 1.00 0.00 ? 16 GLN A HE22 1 
ATOM 275 N N    . GLN A 1 17 ? 4.357   -1.295  -10.423 1.00 0.00 ? 17 GLN A N    1 
ATOM 276 C CA   . GLN A 1 17 ? 4.589   0.165   -10.299 1.00 0.00 ? 17 GLN A CA   1 
ATOM 277 C C    . GLN A 1 17 ? 3.283   0.951   -10.414 1.00 0.00 ? 17 GLN A C    1 
ATOM 278 O O    . GLN A 1 17 ? 2.401   0.585   -11.163 1.00 0.00 ? 17 GLN A O    1 
ATOM 279 C CB   . GLN A 1 17 ? 5.521   0.602   -11.438 1.00 0.00 ? 17 GLN A CB   1 
ATOM 280 C CG   . GLN A 1 17 ? 6.527   1.619   -10.896 1.00 0.00 ? 17 GLN A CG   1 
ATOM 281 C CD   . GLN A 1 17 ? 7.181   2.357   -12.064 1.00 0.00 ? 17 GLN A CD   1 
ATOM 282 O OE1  . GLN A 1 17 ? 7.473   3.533   -11.983 1.00 0.00 ? 17 GLN A OE1  1 
ATOM 283 N NE2  . GLN A 1 17 ? 7.426   1.705   -13.167 1.00 0.00 ? 17 GLN A NE2  1 
ATOM 284 H H    . GLN A 1 17 ? 4.497   -1.747  -11.277 1.00 0.00 ? 17 GLN A H    1 
ATOM 285 H HA   . GLN A 1 17 ? 5.043   0.368   -9.338  1.00 0.00 ? 17 GLN A HA   1 
ATOM 286 H HB2  . GLN A 1 17 ? 6.048   -0.256  -11.828 1.00 0.00 ? 17 GLN A HB2  1 
ATOM 287 H HB3  . GLN A 1 17 ? 4.942   1.053   -12.231 1.00 0.00 ? 17 GLN A HB3  1 
ATOM 288 H HG2  . GLN A 1 17 ? 6.020   2.331   -10.260 1.00 0.00 ? 17 GLN A HG2  1 
ATOM 289 H HG3  . GLN A 1 17 ? 7.290   1.110   -10.324 1.00 0.00 ? 17 GLN A HG3  1 
ATOM 290 H HE21 . GLN A 1 17 ? 7.192   0.755   -13.237 1.00 0.00 ? 17 GLN A HE21 1 
ATOM 291 H HE22 . GLN A 1 17 ? 7.846   2.164   -13.924 1.00 0.00 ? 17 GLN A HE22 1 
ATOM 292 N N    . HIS A 1 18 ? 3.184   2.017   -9.657  1.00 0.00 ? 18 HIS A N    1 
ATOM 293 C CA   . HIS A 1 18 ? 1.947   2.844   -9.706  1.00 0.00 ? 18 HIS A CA   1 
ATOM 294 C C    . HIS A 1 18 ? 0.708   1.999   -9.458  1.00 0.00 ? 18 HIS A C    1 
ATOM 295 O O    . HIS A 1 18 ? -0.389  2.390   -9.806  1.00 0.00 ? 18 HIS A O    1 
ATOM 296 C CB   . HIS A 1 18 ? 1.845   3.485   -11.101 1.00 0.00 ? 18 HIS A CB   1 
ATOM 297 C CG   . HIS A 1 18 ? 3.124   4.273   -11.389 1.00 0.00 ? 18 HIS A CG   1 
ATOM 298 N ND1  . HIS A 1 18 ? 3.590   4.486   -12.527 1.00 0.00 ? 18 HIS A ND1  1 
ATOM 299 C CD2  . HIS A 1 18 ? 3.994   4.894   -10.512 1.00 0.00 ? 18 HIS A CD2  1 
ATOM 300 C CE1  . HIS A 1 18 ? 4.657   5.169   -12.473 1.00 0.00 ? 18 HIS A CE1  1 
ATOM 301 N NE2  . HIS A 1 18 ? 4.997   5.480   -11.220 1.00 0.00 ? 18 HIS A NE2  1 
ATOM 302 H H    . HIS A 1 18 ? 3.918   2.262   -9.050  1.00 0.00 ? 18 HIS A H    1 
ATOM 303 H HA   . HIS A 1 18 ? 2.004   3.612   -8.938  1.00 0.00 ? 18 HIS A HA   1 
ATOM 304 H HB2  . HIS A 1 18 ? 1.721   2.721   -11.849 1.00 0.00 ? 18 HIS A HB2  1 
ATOM 305 H HB3  . HIS A 1 18 ? 0.998   4.156   -11.133 1.00 0.00 ? 18 HIS A HB3  1 
ATOM 306 H HD1  . HIS A 1 18 ? 3.185   4.161   -13.357 1.00 0.00 ? 18 HIS A HD1  1 
ATOM 307 H HD2  . HIS A 1 18 ? 3.893   4.913   -9.435  1.00 0.00 ? 18 HIS A HD2  1 
ATOM 308 H HE1  . HIS A 1 18 ? 5.223   5.471   -13.341 1.00 0.00 ? 18 HIS A HE1  1 
ATOM 309 N N    . GLN A 1 19 ? 0.903   0.856   -8.853  1.00 0.00 ? 19 GLN A N    1 
ATOM 310 C CA   . GLN A 1 19 ? -0.255  -0.027  -8.573  1.00 0.00 ? 19 GLN A CA   1 
ATOM 311 C C    . GLN A 1 19 ? -0.733  0.184   -7.143  1.00 0.00 ? 19 GLN A C    1 
ATOM 312 O O    . GLN A 1 19 ? 0.032   0.062   -6.210  1.00 0.00 ? 19 GLN A O    1 
ATOM 313 C CB   . GLN A 1 19 ? 0.190   -1.491  -8.757  1.00 0.00 ? 19 GLN A CB   1 
ATOM 314 C CG   . GLN A 1 19 ? -0.967  -2.294  -9.367  1.00 0.00 ? 19 GLN A CG   1 
ATOM 315 C CD   . GLN A 1 19 ? -0.513  -3.731  -9.620  1.00 0.00 ? 19 GLN A CD   1 
ATOM 316 O OE1  . GLN A 1 19 ? -0.699  -4.272  -10.692 1.00 0.00 ? 19 GLN A OE1  1 
ATOM 317 N NE2  . GLN A 1 19 ? 0.085   -4.384  -8.665  1.00 0.00 ? 19 GLN A NE2  1 
ATOM 318 H H    . GLN A 1 19 ? 1.809   0.589   -8.579  1.00 0.00 ? 19 GLN A H    1 
ATOM 319 H HA   . GLN A 1 19 ? -1.066  0.223   -9.257  1.00 0.00 ? 19 GLN A HA   1 
ATOM 320 H HB2  . GLN A 1 19 ? 1.047   -1.528  -9.418  1.00 0.00 ? 19 GLN A HB2  1 
ATOM 321 H HB3  . GLN A 1 19 ? 0.463   -1.912  -7.801  1.00 0.00 ? 19 GLN A HB3  1 
ATOM 322 H HG2  . GLN A 1 19 ? -1.806  -2.300  -8.687  1.00 0.00 ? 19 GLN A HG2  1 
ATOM 323 H HG3  . GLN A 1 19 ? -1.270  -1.849  -10.302 1.00 0.00 ? 19 GLN A HG3  1 
ATOM 324 H HE21 . GLN A 1 19 ? 0.237   -3.954  -7.799  1.00 0.00 ? 19 GLN A HE21 1 
ATOM 325 H HE22 . GLN A 1 19 ? 0.378   -5.307  -8.812  1.00 0.00 ? 19 GLN A HE22 1 
ATOM 326 N N    . SER A 1 20 ? -1.993  0.502   -6.996  1.00 0.00 ? 20 SER A N    1 
ATOM 327 C CA   . SER A 1 20 ? -2.531  0.727   -5.632  1.00 0.00 ? 20 SER A CA   1 
ATOM 328 C C    . SER A 1 20 ? -3.117  -0.542  -5.019  1.00 0.00 ? 20 SER A C    1 
ATOM 329 O O    . SER A 1 20 ? -3.764  -1.322  -5.689  1.00 0.00 ? 20 SER A O    1 
ATOM 330 C CB   . SER A 1 20 ? -3.647  1.777   -5.728  1.00 0.00 ? 20 SER A CB   1 
ATOM 331 O OG   . SER A 1 20 ? -4.515  1.269   -6.731  1.00 0.00 ? 20 SER A OG   1 
ATOM 332 H H    . SER A 1 20 ? -2.572  0.600   -7.776  1.00 0.00 ? 20 SER A H    1 
ATOM 333 H HA   . SER A 1 20 ? -1.730  1.082   -4.998  1.00 0.00 ? 20 SER A HA   1 
ATOM 334 H HB2  . SER A 1 20 ? -4.173  1.865   -4.789  1.00 0.00 ? 20 SER A HB2  1 
ATOM 335 H HB3  . SER A 1 20 ? -3.248  2.735   -6.029  1.00 0.00 ? 20 SER A HB3  1 
ATOM 336 H HG   . SER A 1 20 ? -4.600  0.322   -6.596  1.00 0.00 ? 20 SER A HG   1 
ATOM 337 N N    . TRP A 1 21 ? -2.870  -0.718  -3.744  1.00 0.00 ? 21 TRP A N    1 
ATOM 338 C CA   . TRP A 1 21 ? -3.397  -1.919  -3.047  1.00 0.00 ? 21 TRP A CA   1 
ATOM 339 C C    . TRP A 1 21 ? -3.690  -1.589  -1.568  1.00 0.00 ? 21 TRP A C    1 
ATOM 340 O O    . TRP A 1 21 ? -2.792  -1.341  -0.788  1.00 0.00 ? 21 TRP A O    1 
ATOM 341 C CB   . TRP A 1 21 ? -2.356  -3.058  -3.167  1.00 0.00 ? 21 TRP A CB   1 
ATOM 342 C CG   . TRP A 1 21 ? -1.183  -2.840  -2.204  1.00 0.00 ? 21 TRP A CG   1 
ATOM 343 C CD1  . TRP A 1 21 ? -1.121  -3.369  -1.002  1.00 0.00 ? 21 TRP A CD1  1 
ATOM 344 C CD2  . TRP A 1 21 ? -0.077  -2.185  -2.489  1.00 0.00 ? 21 TRP A CD2  1 
ATOM 345 N NE1  . TRP A 1 21 ? 0.091   -3.010  -0.550  1.00 0.00 ? 21 TRP A NE1  1 
ATOM 346 C CE2  . TRP A 1 21 ? 0.817   -2.259  -1.434  1.00 0.00 ? 21 TRP A CE2  1 
ATOM 347 C CE3  . TRP A 1 21 ? 0.279   -1.492  -3.629  1.00 0.00 ? 21 TRP A CE3  1 
ATOM 348 C CZ2  . TRP A 1 21 ? 2.043   -1.659  -1.513  1.00 0.00 ? 21 TRP A CZ2  1 
ATOM 349 C CZ3  . TRP A 1 21 ? 1.521   -0.883  -3.709  1.00 0.00 ? 21 TRP A CZ3  1 
ATOM 350 C CH2  . TRP A 1 21 ? 2.401   -0.969  -2.651  1.00 0.00 ? 21 TRP A CH2  1 
ATOM 351 H H    . TRP A 1 21 ? -2.330  -0.061  -3.254  1.00 0.00 ? 21 TRP A H    1 
ATOM 352 H HA   . TRP A 1 21 ? -4.337  -2.208  -3.526  1.00 0.00 ? 21 TRP A HA   1 
ATOM 353 H HB2  . TRP A 1 21 ? -2.828  -4.001  -2.935  1.00 0.00 ? 21 TRP A HB2  1 
ATOM 354 H HB3  . TRP A 1 21 ? -1.981  -3.098  -4.177  1.00 0.00 ? 21 TRP A HB3  1 
ATOM 355 H HD1  . TRP A 1 21 ? -1.850  -3.973  -0.520  1.00 0.00 ? 21 TRP A HD1  1 
ATOM 356 H HE1  . TRP A 1 21 ? 0.433   -3.267  0.334   1.00 0.00 ? 21 TRP A HE1  1 
ATOM 357 H HE3  . TRP A 1 21 ? -0.409  -1.418  -4.454  1.00 0.00 ? 21 TRP A HE3  1 
ATOM 358 H HZ2  . TRP A 1 21 ? 2.727   -1.728  -0.681  1.00 0.00 ? 21 TRP A HZ2  1 
ATOM 359 H HZ3  . TRP A 1 21 ? 1.800   -0.337  -4.598  1.00 0.00 ? 21 TRP A HZ3  1 
ATOM 360 H HH2  . TRP A 1 21 ? 3.372   -0.504  -2.718  1.00 0.00 ? 21 TRP A HH2  1 
ATOM 361 N N    . LEU A 1 22 ? -4.966  -1.594  -1.226  1.00 0.00 ? 22 LEU A N    1 
ATOM 362 C CA   . LEU A 1 22 ? -5.383  -1.282  0.184   1.00 0.00 ? 22 LEU A CA   1 
ATOM 363 C C    . LEU A 1 22 ? -5.107  -2.419  1.175   1.00 0.00 ? 22 LEU A C    1 
ATOM 364 O O    . LEU A 1 22 ? -5.257  -3.584  0.862   1.00 0.00 ? 22 LEU A O    1 
ATOM 365 C CB   . LEU A 1 22 ? -6.910  -1.038  0.182   1.00 0.00 ? 22 LEU A CB   1 
ATOM 366 C CG   . LEU A 1 22 ? -7.265  0.365   -0.373  1.00 0.00 ? 22 LEU A CG   1 
ATOM 367 C CD1  . LEU A 1 22 ? -7.027  1.431   0.704   1.00 0.00 ? 22 LEU A CD1  1 
ATOM 368 C CD2  . LEU A 1 22 ? -6.416  0.690   -1.614  1.00 0.00 ? 22 LEU A CD2  1 
ATOM 369 H H    . LEU A 1 22 ? -5.649  -1.802  -1.897  1.00 0.00 ? 22 LEU A H    1 
ATOM 370 H HA   . LEU A 1 22 ? -4.856  -0.398  0.520   1.00 0.00 ? 22 LEU A HA   1 
ATOM 371 H HB2  . LEU A 1 22 ? -7.389  -1.791  -0.426  1.00 0.00 ? 22 LEU A HB2  1 
ATOM 372 H HB3  . LEU A 1 22 ? -7.282  -1.124  1.190   1.00 0.00 ? 22 LEU A HB3  1 
ATOM 373 H HG   . LEU A 1 22 ? -8.306  0.376   -0.648  1.00 0.00 ? 22 LEU A HG   1 
ATOM 374 H HD11 . LEU A 1 22 ? -6.379  1.044   1.475   1.00 0.00 ? 22 LEU A HD11 1 
ATOM 375 H HD12 . LEU A 1 22 ? -6.572  2.299   0.258   1.00 0.00 ? 22 LEU A HD12 1 
ATOM 376 H HD13 . LEU A 1 22 ? -7.969  1.715   1.144   1.00 0.00 ? 22 LEU A HD13 1 
ATOM 377 H HD21 . LEU A 1 22 ? -6.485  -0.119  -2.324  1.00 0.00 ? 22 LEU A HD21 1 
ATOM 378 H HD22 . LEU A 1 22 ? -6.785  1.594   -2.074  1.00 0.00 ? 22 LEU A HD22 1 
ATOM 379 H HD23 . LEU A 1 22 ? -5.387  0.835   -1.335  1.00 0.00 ? 22 LEU A HD23 1 
ATOM 380 N N    . ARG A 1 23 ? -4.742  -2.020  2.380   1.00 0.00 ? 23 ARG A N    1 
ATOM 381 C CA   . ARG A 1 23 ? -4.438  -3.002  3.466   1.00 0.00 ? 23 ARG A CA   1 
ATOM 382 C C    . ARG A 1 23 ? -5.494  -2.841  4.595   1.00 0.00 ? 23 ARG A C    1 
ATOM 383 O O    . ARG A 1 23 ? -6.051  -1.774  4.754   1.00 0.00 ? 23 ARG A O    1 
ATOM 384 C CB   . ARG A 1 23 ? -3.030  -2.650  4.037   1.00 0.00 ? 23 ARG A CB   1 
ATOM 385 C CG   . ARG A 1 23 ? -1.973  -3.709  3.626   1.00 0.00 ? 23 ARG A CG   1 
ATOM 386 C CD   . ARG A 1 23 ? -1.753  -3.685  2.113   1.00 0.00 ? 23 ARG A CD   1 
ATOM 387 N NE   . ARG A 1 23 ? -2.880  -4.390  1.451   1.00 0.00 ? 23 ARG A NE   1 
ATOM 388 C CZ   . ARG A 1 23 ? -2.915  -5.696  1.440   1.00 0.00 ? 23 ARG A CZ   1 
ATOM 389 N NH1  . ARG A 1 23 ? -3.300  -6.329  2.512   1.00 0.00 ? 23 ARG A NH1  1 
ATOM 390 N NH2  . ARG A 1 23 ? -2.571  -6.323  0.352   1.00 0.00 ? 23 ARG A NH2  1 
ATOM 391 H H    . ARG A 1 23 ? -4.679  -1.064  2.566   1.00 0.00 ? 23 ARG A H    1 
ATOM 392 H HA   . ARG A 1 23 ? -4.475  -3.996  3.069   1.00 0.00 ? 23 ARG A HA   1 
ATOM 393 H HB2  . ARG A 1 23 ? -2.725  -1.683  3.662   1.00 0.00 ? 23 ARG A HB2  1 
ATOM 394 H HB3  . ARG A 1 23 ? -3.085  -2.601  5.114   1.00 0.00 ? 23 ARG A HB3  1 
ATOM 395 H HG2  . ARG A 1 23 ? -1.040  -3.492  4.123   1.00 0.00 ? 23 ARG A HG2  1 
ATOM 396 H HG3  . ARG A 1 23 ? -2.299  -4.682  3.922   1.00 0.00 ? 23 ARG A HG3  1 
ATOM 397 H HD2  . ARG A 1 23 ? -1.705  -2.662  1.758   1.00 0.00 ? 23 ARG A HD2  1 
ATOM 398 H HD3  . ARG A 1 23 ? -0.830  -4.188  1.872   1.00 0.00 ? 23 ARG A HD3  1 
ATOM 399 H HE   . ARG A 1 23 ? -3.582  -3.880  1.015   1.00 0.00 ? 23 ARG A HE   1 
ATOM 400 H HH11 . ARG A 1 23 ? -3.564  -5.815  3.329   1.00 0.00 ? 23 ARG A HH11 1 
ATOM 401 H HH12 . ARG A 1 23 ? -3.332  -7.327  2.519   1.00 0.00 ? 23 ARG A HH12 1 
ATOM 402 H HH21 . ARG A 1 23 ? -2.290  -5.805  -0.454  1.00 0.00 ? 23 ARG A HH21 1 
ATOM 403 H HH22 . ARG A 1 23 ? -2.589  -7.323  0.324   1.00 0.00 ? 23 ARG A HH22 1 
ATOM 404 N N    . PRO A 1 24 ? -5.758  -3.905  5.367   1.00 0.00 ? 24 PRO A N    1 
ATOM 405 C CA   . PRO A 1 24 ? -6.745  -3.819  6.449   1.00 0.00 ? 24 PRO A CA   1 
ATOM 406 C C    . PRO A 1 24 ? -6.411  -2.708  7.437   1.00 0.00 ? 24 PRO A C    1 
ATOM 407 O O    . PRO A 1 24 ? -5.365  -2.093  7.359   1.00 0.00 ? 24 PRO A O    1 
ATOM 408 C CB   . PRO A 1 24 ? -6.673  -5.182  7.167   1.00 0.00 ? 24 PRO A CB   1 
ATOM 409 C CG   . PRO A 1 24 ? -5.640  -6.059  6.401   1.00 0.00 ? 24 PRO A CG   1 
ATOM 410 C CD   . PRO A 1 24 ? -5.101  -5.216  5.231   1.00 0.00 ? 24 PRO A CD   1 
ATOM 411 H HA   . PRO A 1 24 ? -7.732  -3.653  6.029   1.00 0.00 ? 24 PRO A HA   1 
ATOM 412 H HB2  . PRO A 1 24 ? -6.353  -5.042  8.190   1.00 0.00 ? 24 PRO A HB2  1 
ATOM 413 H HB3  . PRO A 1 24 ? -7.644  -5.657  7.155   1.00 0.00 ? 24 PRO A HB3  1 
ATOM 414 H HG2  . PRO A 1 24 ? -4.832  -6.337  7.061   1.00 0.00 ? 24 PRO A HG2  1 
ATOM 415 H HG3  . PRO A 1 24 ? -6.121  -6.948  6.025   1.00 0.00 ? 24 PRO A HG3  1 
ATOM 416 H HD2  . PRO A 1 24 ? -4.039  -5.105  5.310   1.00 0.00 ? 24 PRO A HD2  1 
ATOM 417 H HD3  . PRO A 1 24 ? -5.365  -5.675  4.291   1.00 0.00 ? 24 PRO A HD3  1 
ATOM 418 N N    . VAL A 1 25 ? -7.312  -2.475  8.354   1.00 0.00 ? 25 VAL A N    1 
ATOM 419 C CA   . VAL A 1 25 ? -7.079  -1.414  9.358   1.00 0.00 ? 25 VAL A CA   1 
ATOM 420 C C    . VAL A 1 25 ? -6.249  -1.946  10.521  1.00 0.00 ? 25 VAL A C    1 
ATOM 421 O O    . VAL A 1 25 ? -5.910  -3.113  10.562  1.00 0.00 ? 25 VAL A O    1 
ATOM 422 C CB   . VAL A 1 25 ? -8.454  -0.938  9.895   1.00 0.00 ? 25 VAL A CB   1 
ATOM 423 C CG1  . VAL A 1 25 ? -9.513  -1.062  8.788   1.00 0.00 ? 25 VAL A CG1  1 
ATOM 424 C CG2  . VAL A 1 25 ? -8.879  -1.801  11.085  1.00 0.00 ? 25 VAL A CG2  1 
ATOM 425 H H    . VAL A 1 25 ? -8.138  -2.992  8.371   1.00 0.00 ? 25 VAL A H    1 
ATOM 426 H HA   . VAL A 1 25 ? -6.542  -0.590  8.887   1.00 0.00 ? 25 VAL A HA   1 
ATOM 427 H HB   . VAL A 1 25 ? -8.380  0.085   10.211  1.00 0.00 ? 25 VAL A HB   1 
ATOM 428 H HG11 . VAL A 1 25 ? -9.051  -0.949  7.819   1.00 0.00 ? 25 VAL A HG11 1 
ATOM 429 H HG12 . VAL A 1 25 ? -9.986  -2.030  8.843   1.00 0.00 ? 25 VAL A HG12 1 
ATOM 430 H HG13 . VAL A 1 25 ? -10.262 -0.293  8.914   1.00 0.00 ? 25 VAL A HG13 1 
ATOM 431 H HG21 . VAL A 1 25 ? -8.660  -2.838  10.884  1.00 0.00 ? 25 VAL A HG21 1 
ATOM 432 H HG22 . VAL A 1 25 ? -8.348  -1.487  11.974  1.00 0.00 ? 25 VAL A HG22 1 
ATOM 433 H HG23 . VAL A 1 25 ? -9.941  -1.689  11.251  1.00 0.00 ? 25 VAL A HG23 1 
ATOM 434 N N    . LEU A 1 26 ? -5.934  -1.082  11.443  1.00 0.00 ? 26 LEU A N    1 
ATOM 435 C CA   . LEU A 1 26 ? -5.128  -1.518  12.610  1.00 0.00 ? 26 LEU A CA   1 
ATOM 436 C C    . LEU A 1 26 ? -6.038  -1.965  13.750  1.00 0.00 ? 26 LEU A C    1 
ATOM 437 O O    . LEU A 1 26 ? -6.072  -3.125  14.106  1.00 0.00 ? 26 LEU A O    1 
ATOM 438 C CB   . LEU A 1 26 ? -4.274  -0.326  13.093  1.00 0.00 ? 26 LEU A CB   1 
ATOM 439 C CG   . LEU A 1 26 ? -3.776  0.475   11.884  1.00 0.00 ? 26 LEU A CG   1 
ATOM 440 C CD1  . LEU A 1 26 ? -2.873  1.608   12.375  1.00 0.00 ? 26 LEU A CD1  1 
ATOM 441 C CD2  . LEU A 1 26 ? -2.972  -0.444  10.961  1.00 0.00 ? 26 LEU A CD2  1 
ATOM 442 H H    . LEU A 1 26 ? -6.225  -0.149  11.363  1.00 0.00 ? 26 LEU A H    1 
ATOM 443 H HA   . LEU A 1 26 ? -4.499  -2.352  12.315  1.00 0.00 ? 26 LEU A HA   1 
ATOM 444 H HB2  . LEU A 1 26 ? -4.868  0.313   13.726  1.00 0.00 ? 26 LEU A HB2  1 
ATOM 445 H HB3  . LEU A 1 26 ? -3.430  -0.692  13.657  1.00 0.00 ? 26 LEU A HB3  1 
ATOM 446 H HG   . LEU A 1 26 ? -4.614  0.891   11.347  1.00 0.00 ? 26 LEU A HG   1 
ATOM 447 H HD11 . LEU A 1 26 ? -2.916  1.667   13.454  1.00 0.00 ? 26 LEU A HD11 1 
ATOM 448 H HD12 . LEU A 1 26 ? -1.854  1.422   12.070  1.00 0.00 ? 26 LEU A HD12 1 
ATOM 449 H HD13 . LEU A 1 26 ? -3.205  2.546   11.955  1.00 0.00 ? 26 LEU A HD13 1 
ATOM 450 H HD21 . LEU A 1 26 ? -2.225  -0.974  11.533  1.00 0.00 ? 26 LEU A HD21 1 
ATOM 451 H HD22 . LEU A 1 26 ? -3.633  -1.159  10.492  1.00 0.00 ? 26 LEU A HD22 1 
ATOM 452 H HD23 . LEU A 1 26 ? -2.484  0.142   10.197  1.00 0.00 ? 26 LEU A HD23 1 
ATOM 453 N N    . ARG A 1 27 ? -6.756  -1.029  14.299  1.00 0.00 ? 27 ARG A N    1 
ATOM 454 C CA   . ARG A 1 27 ? -7.673  -1.359  15.414  1.00 0.00 ? 27 ARG A CA   1 
ATOM 455 C C    . ARG A 1 27 ? -8.873  -0.429  15.394  1.00 0.00 ? 27 ARG A C    1 
ATOM 456 O O    . ARG A 1 27 ? -9.889  -0.702  16.004  1.00 0.00 ? 27 ARG A O    1 
ATOM 457 C CB   . ARG A 1 27 ? -6.921  -1.164  16.740  1.00 0.00 ? 27 ARG A CB   1 
ATOM 458 C CG   . ARG A 1 27 ? -5.755  -2.147  16.803  1.00 0.00 ? 27 ARG A CG   1 
ATOM 459 C CD   . ARG A 1 27 ? -5.261  -2.249  18.249  1.00 0.00 ? 27 ARG A CD   1 
ATOM 460 N NE   . ARG A 1 27 ? -5.981  -3.359  18.933  1.00 0.00 ? 27 ARG A NE   1 
ATOM 461 C CZ   . ARG A 1 27 ? -5.300  -4.349  19.442  1.00 0.00 ? 27 ARG A CZ   1 
ATOM 462 N NH1  . ARG A 1 27 ? -4.976  -5.352  18.674  1.00 0.00 ? 27 ARG A NH1  1 
ATOM 463 N NH2  . ARG A 1 27 ? -4.967  -4.305  20.704  1.00 0.00 ? 27 ARG A NH2  1 
ATOM 464 H H    . ARG A 1 27 ? -6.690  -0.109  13.974  1.00 0.00 ? 27 ARG A H    1 
ATOM 465 H HA   . ARG A 1 27 ? -8.015  -2.389  15.306  1.00 0.00 ? 27 ARG A HA   1 
ATOM 466 H HB2  . ARG A 1 27 ? -6.546  -0.154  16.800  1.00 0.00 ? 27 ARG A HB2  1 
ATOM 467 H HB3  . ARG A 1 27 ? -7.592  -1.342  17.568  1.00 0.00 ? 27 ARG A HB3  1 
ATOM 468 H HG2  . ARG A 1 27 ? -6.081  -3.117  16.462  1.00 0.00 ? 27 ARG A HG2  1 
ATOM 469 H HG3  . ARG A 1 27 ? -4.953  -1.798  16.167  1.00 0.00 ? 27 ARG A HG3  1 
ATOM 470 H HD2  . ARG A 1 27 ? -4.199  -2.450  18.261  1.00 0.00 ? 27 ARG A HD2  1 
ATOM 471 H HD3  . ARG A 1 27 ? -5.455  -1.322  18.768  1.00 0.00 ? 27 ARG A HD3  1 
ATOM 472 H HE   . ARG A 1 27 ? -6.960  -3.345  19.001  1.00 0.00 ? 27 ARG A HE   1 
ATOM 473 H HH11 . ARG A 1 27 ? -5.250  -5.354  17.711  1.00 0.00 ? 27 ARG A HH11 1 
ATOM 474 H HH12 . ARG A 1 27 ? -4.454  -6.120  19.045  1.00 0.00 ? 27 ARG A HH12 1 
ATOM 475 H HH21 . ARG A 1 27 ? -5.235  -3.521  21.264  1.00 0.00 ? 27 ARG A HH21 1 
ATOM 476 H HH22 . ARG A 1 27 ? -4.444  -5.055  21.111  1.00 0.00 ? 27 ARG A HH22 1 
ATOM 477 N N    . SER A 1 28 ? -8.730  0.658   14.689  1.00 0.00 ? 28 SER A N    1 
ATOM 478 C CA   . SER A 1 28 ? -9.844  1.628   14.606  1.00 0.00 ? 28 SER A CA   1 
ATOM 479 C C    . SER A 1 28 ? -10.819 1.241   13.501  1.00 0.00 ? 28 SER A C    1 
ATOM 480 O O    . SER A 1 28 ? -11.621 0.344   13.666  1.00 0.00 ? 28 SER A O    1 
ATOM 481 C CB   . SER A 1 28 ? -9.253  3.008   14.285  1.00 0.00 ? 28 SER A CB   1 
ATOM 482 O OG   . SER A 1 28 ? -8.801  3.493   15.539  1.00 0.00 ? 28 SER A OG   1 
ATOM 483 H H    . SER A 1 28 ? -7.889  0.831   14.219  1.00 0.00 ? 28 SER A H    1 
ATOM 484 H HA   . SER A 1 28 ? -10.372 1.645   15.557  1.00 0.00 ? 28 SER A HA   1 
ATOM 485 H HB2  . SER A 1 28 ? -8.425  2.918   13.599  1.00 0.00 ? 28 SER A HB2  1 
ATOM 486 H HB3  . SER A 1 28 ? -10.008 3.662   13.881  1.00 0.00 ? 28 SER A HB3  1 
ATOM 487 H HG   . SER A 1 28 ? -7.844  3.559   15.505  1.00 0.00 ? 28 SER A HG   1 
ATOM 488 N N    . ASN A 1 29 ? -10.731 1.923   12.391  1.00 0.00 ? 29 ASN A N    1 
ATOM 489 C CA   . ASN A 1 29 ? -11.647 1.604   11.272  1.00 0.00 ? 29 ASN A CA   1 
ATOM 490 C C    . ASN A 1 29 ? -11.181 2.264   9.978   1.00 0.00 ? 29 ASN A C    1 
ATOM 491 O O    . ASN A 1 29 ? -11.943 2.397   9.042   1.00 0.00 ? 29 ASN A O    1 
ATOM 492 C CB   . ASN A 1 29 ? -13.039 2.145   11.624  1.00 0.00 ? 29 ASN A CB   1 
ATOM 493 C CG   . ASN A 1 29 ? -14.045 1.679   10.570  1.00 0.00 ? 29 ASN A CG   1 
ATOM 494 O OD1  . ASN A 1 29 ? -14.260 2.331   9.568   1.00 0.00 ? 29 ASN A OD1  1 
ATOM 495 N ND2  . ASN A 1 29 ? -14.681 0.557   10.758  1.00 0.00 ? 29 ASN A ND2  1 
ATOM 496 H H    . ASN A 1 29 ? -10.070 2.639   12.301  1.00 0.00 ? 29 ASN A H    1 
ATOM 497 H HA   . ASN A 1 29 ? -11.675 0.525   11.131  1.00 0.00 ? 29 ASN A HA   1 
ATOM 498 H HB2  . ASN A 1 29 ? -13.340 1.777   12.594  1.00 0.00 ? 29 ASN A HB2  1 
ATOM 499 H HB3  . ASN A 1 29 ? -13.019 3.226   11.643  1.00 0.00 ? 29 ASN A HB3  1 
ATOM 500 H HD21 . ASN A 1 29 ? -14.511 0.027   11.565  1.00 0.00 ? 29 ASN A HD21 1 
ATOM 501 H HD22 . ASN A 1 29 ? -15.327 0.243   10.094  1.00 0.00 ? 29 ASN A HD22 1 
ATOM 502 N N    . ARG A 1 30 ? -9.941  2.668   9.947   1.00 0.00 ? 30 ARG A N    1 
ATOM 503 C CA   . ARG A 1 30 ? -9.422  3.314   8.730   1.00 0.00 ? 30 ARG A CA   1 
ATOM 504 C C    . ARG A 1 30 ? -8.785  2.302   7.796   1.00 0.00 ? 30 ARG A C    1 
ATOM 505 O O    . ARG A 1 30 ? -8.384  1.243   8.209   1.00 0.00 ? 30 ARG A O    1 
ATOM 506 C CB   . ARG A 1 30 ? -8.346  4.304   9.150   1.00 0.00 ? 30 ARG A CB   1 
ATOM 507 C CG   . ARG A 1 30 ? -8.959  5.393   10.018  1.00 0.00 ? 30 ARG A CG   1 
ATOM 508 C CD   . ARG A 1 30 ? -8.219  6.685   9.739   1.00 0.00 ? 30 ARG A CD   1 
ATOM 509 N NE   . ARG A 1 30 ? -8.485  7.652   10.838  1.00 0.00 ? 30 ARG A NE   1 
ATOM 510 C CZ   . ARG A 1 30 ? -7.615  8.594   11.084  1.00 0.00 ? 30 ARG A CZ   1 
ATOM 511 N NH1  . ARG A 1 30 ? -6.628  8.777   10.247  1.00 0.00 ? 30 ARG A NH1  1 
ATOM 512 N NH2  . ARG A 1 30 ? -7.760  9.322   12.156  1.00 0.00 ? 30 ARG A NH2  1 
ATOM 513 H H    . ARG A 1 30 ? -9.357  2.552   10.725  1.00 0.00 ? 30 ARG A H    1 
ATOM 514 H HA   . ARG A 1 30 ? -10.242 3.819   8.211   1.00 0.00 ? 30 ARG A HA   1 
ATOM 515 H HB2  . ARG A 1 30 ? -7.579  3.788   9.706   1.00 0.00 ? 30 ARG A HB2  1 
ATOM 516 H HB3  . ARG A 1 30 ? -7.906  4.746   8.275   1.00 0.00 ? 30 ARG A HB3  1 
ATOM 517 H HG2  . ARG A 1 30 ? -10.004 5.513   9.778   1.00 0.00 ? 30 ARG A HG2  1 
ATOM 518 H HG3  . ARG A 1 30 ? -8.858  5.130   11.060  1.00 0.00 ? 30 ARG A HG3  1 
ATOM 519 H HD2  . ARG A 1 30 ? -7.159  6.488   9.682   1.00 0.00 ? 30 ARG A HD2  1 
ATOM 520 H HD3  . ARG A 1 30 ? -8.558  7.101   8.805   1.00 0.00 ? 30 ARG A HD3  1 
ATOM 521 H HE   . ARG A 1 30 ? -9.304  7.583   11.371  1.00 0.00 ? 30 ARG A HE   1 
ATOM 522 H HH11 . ARG A 1 30 ? -6.548  8.200   9.434   1.00 0.00 ? 30 ARG A HH11 1 
ATOM 523 H HH12 . ARG A 1 30 ? -5.953  9.494   10.419  1.00 0.00 ? 30 ARG A HH12 1 
ATOM 524 H HH21 . ARG A 1 30 ? -8.529  9.154   12.774  1.00 0.00 ? 30 ARG A HH21 1 
ATOM 525 H HH22 . ARG A 1 30 ? -7.104  10.049  12.359  1.00 0.00 ? 30 ARG A HH22 1 
ATOM 526 N N    . VAL A 1 31 ? -8.689  2.665   6.552   1.00 0.00 ? 31 VAL A N    1 
ATOM 527 C CA   . VAL A 1 31 ? -8.078  1.744   5.559   1.00 0.00 ? 31 VAL A CA   1 
ATOM 528 C C    . VAL A 1 31 ? -6.673  2.199   5.211   1.00 0.00 ? 31 VAL A C    1 
ATOM 529 O O    . VAL A 1 31 ? -6.418  3.379   5.074   1.00 0.00 ? 31 VAL A O    1 
ATOM 530 C CB   . VAL A 1 31 ? -8.927  1.772   4.292   1.00 0.00 ? 31 VAL A CB   1 
ATOM 531 C CG1  . VAL A 1 31 ? -10.023 0.709   4.395   1.00 0.00 ? 31 VAL A CG1  1 
ATOM 532 C CG2  . VAL A 1 31 ? -9.572  3.151   4.144   1.00 0.00 ? 31 VAL A CG2  1 
ATOM 533 H H    . VAL A 1 31 ? -9.015  3.547   6.271   1.00 0.00 ? 31 VAL A H    1 
ATOM 534 H HA   . VAL A 1 31 ? -8.030  0.739   5.968   1.00 0.00 ? 31 VAL A HA   1 
ATOM 535 H HB   . VAL A 1 31 ? -8.306  1.567   3.446   1.00 0.00 ? 31 VAL A HB   1 
ATOM 536 H HG11 . VAL A 1 31 ? -10.473 0.744   5.376   1.00 0.00 ? 31 VAL A HG11 1 
ATOM 537 H HG12 . VAL A 1 31 ? -10.781 0.896   3.648   1.00 0.00 ? 31 VAL A HG12 1 
ATOM 538 H HG13 . VAL A 1 31 ? -9.597  -0.269  4.232   1.00 0.00 ? 31 VAL A HG13 1 
ATOM 539 H HG21 . VAL A 1 31 ? -8.830  3.919   4.304   1.00 0.00 ? 31 VAL A HG21 1 
ATOM 540 H HG22 . VAL A 1 31 ? -9.983  3.257   3.152   1.00 0.00 ? 31 VAL A HG22 1 
ATOM 541 H HG23 . VAL A 1 31 ? -10.363 3.264   4.871   1.00 0.00 ? 31 VAL A HG23 1 
ATOM 542 N N    . GLU A 1 32 ? -5.779  1.260   5.075   1.00 0.00 ? 32 GLU A N    1 
ATOM 543 C CA   . GLU A 1 32 ? -4.392  1.635   4.736   1.00 0.00 ? 32 GLU A CA   1 
ATOM 544 C C    . GLU A 1 32 ? -4.204  1.687   3.233   1.00 0.00 ? 32 GLU A C    1 
ATOM 545 O O    . GLU A 1 32 ? -4.261  0.682   2.559   1.00 0.00 ? 32 GLU A O    1 
ATOM 546 C CB   . GLU A 1 32 ? -3.446  0.577   5.306   1.00 0.00 ? 32 GLU A CB   1 
ATOM 547 C CG   . GLU A 1 32 ? -3.158  0.889   6.774   1.00 0.00 ? 32 GLU A CG   1 
ATOM 548 C CD   . GLU A 1 32 ? -2.166  -0.141  7.321   1.00 0.00 ? 32 GLU A CD   1 
ATOM 549 O OE1  . GLU A 1 32 ? -1.002  -0.002  6.984   1.00 0.00 ? 32 GLU A OE1  1 
ATOM 550 O OE2  . GLU A 1 32 ? -2.629  -1.009  8.043   1.00 0.00 ? 32 GLU A OE2  1 
ATOM 551 H H    . GLU A 1 32 ? -6.024  0.315   5.198   1.00 0.00 ? 32 GLU A H    1 
ATOM 552 H HA   . GLU A 1 32 ? -4.176  2.618   5.157   1.00 0.00 ? 32 GLU A HA   1 
ATOM 553 H HB2  . GLU A 1 32 ? -3.901  -0.395  5.224   1.00 0.00 ? 32 GLU A HB2  1 
ATOM 554 H HB3  . GLU A 1 32 ? -2.522  0.583   4.747   1.00 0.00 ? 32 GLU A HB3  1 
ATOM 555 H HG2  . GLU A 1 32 ? -2.731  1.877   6.861   1.00 0.00 ? 32 GLU A HG2  1 
ATOM 556 H HG3  . GLU A 1 32 ? -4.074  0.842   7.345   1.00 0.00 ? 32 GLU A HG3  1 
ATOM 557 N N    . TYR A 1 33 ? -3.981  2.859   2.737   1.00 0.00 ? 33 TYR A N    1 
ATOM 558 C CA   . TYR A 1 33 ? -3.785  3.010   1.291   1.00 0.00 ? 33 TYR A CA   1 
ATOM 559 C C    . TYR A 1 33 ? -2.317  2.912   0.978   1.00 0.00 ? 33 TYR A C    1 
ATOM 560 O O    . TYR A 1 33 ? -1.544  3.710   1.449   1.00 0.00 ? 33 TYR A O    1 
ATOM 561 C CB   . TYR A 1 33 ? -4.287  4.402   0.898   1.00 0.00 ? 33 TYR A CB   1 
ATOM 562 C CG   . TYR A 1 33 ? -4.710  4.411   -0.571  1.00 0.00 ? 33 TYR A CG   1 
ATOM 563 C CD1  . TYR A 1 33 ? -3.770  4.279   -1.571  1.00 0.00 ? 33 TYR A CD1  1 
ATOM 564 C CD2  . TYR A 1 33 ? -6.039  4.569   -0.917  1.00 0.00 ? 33 TYR A CD2  1 
ATOM 565 C CE1  . TYR A 1 33 ? -4.151  4.308   -2.896  1.00 0.00 ? 33 TYR A CE1  1 
ATOM 566 C CE2  . TYR A 1 33 ? -6.419  4.598   -2.240  1.00 0.00 ? 33 TYR A CE2  1 
ATOM 567 C CZ   . TYR A 1 33 ? -5.478  4.466   -3.242  1.00 0.00 ? 33 TYR A CZ   1 
ATOM 568 O OH   . TYR A 1 33 ? -5.860  4.493   -4.570  1.00 0.00 ? 33 TYR A OH   1 
ATOM 569 H H    . TYR A 1 33 ? -3.931  3.638   3.321   1.00 0.00 ? 33 TYR A H    1 
ATOM 570 H HA   . TYR A 1 33 ? -4.321  2.228   0.765   1.00 0.00 ? 33 TYR A HA   1 
ATOM 571 H HB2  . TYR A 1 33 ? -5.133  4.670   1.514   1.00 0.00 ? 33 TYR A HB2  1 
ATOM 572 H HB3  . TYR A 1 33 ? -3.500  5.119   1.048   1.00 0.00 ? 33 TYR A HB3  1 
ATOM 573 H HD1  . TYR A 1 33 ? -2.729  4.154   -1.314  1.00 0.00 ? 33 TYR A HD1  1 
ATOM 574 H HD2  . TYR A 1 33 ? -6.786  4.671   -0.143  1.00 0.00 ? 33 TYR A HD2  1 
ATOM 575 H HE1  . TYR A 1 33 ? -3.404  4.210   -3.668  1.00 0.00 ? 33 TYR A HE1  1 
ATOM 576 H HE2  . TYR A 1 33 ? -7.459  4.730   -2.495  1.00 0.00 ? 33 TYR A HE2  1 
ATOM 577 H HH   . TYR A 1 33 ? -6.056  3.592   -4.840  1.00 0.00 ? 33 TYR A HH   1 
ATOM 578 N N    . CYS A 1 34 ? -1.950  1.928   0.198   1.00 0.00 ? 34 CYS A N    1 
ATOM 579 C CA   . CYS A 1 34 ? -0.516  1.773   -0.147  1.00 0.00 ? 34 CYS A CA   1 
ATOM 580 C C    . CYS A 1 34 ? -0.319  1.553   -1.637  1.00 0.00 ? 34 CYS A C    1 
ATOM 581 O O    . CYS A 1 34 ? -0.754  0.559   -2.183  1.00 0.00 ? 34 CYS A O    1 
ATOM 582 C CB   . CYS A 1 34 ? 0.033   0.557   0.611   1.00 0.00 ? 34 CYS A CB   1 
ATOM 583 S SG   . CYS A 1 34 ? 0.899   0.874   2.172   1.00 0.00 ? 34 CYS A SG   1 
ATOM 584 H H    . CYS A 1 34 ? -2.615  1.300   -0.154  1.00 0.00 ? 34 CYS A H    1 
ATOM 585 H HA   . CYS A 1 34 ? 0.011   2.666   0.140   1.00 0.00 ? 34 CYS A HA   1 
ATOM 586 H HB2  . CYS A 1 34 ? -0.793  -0.106  0.824   1.00 0.00 ? 34 CYS A HB2  1 
ATOM 587 H HB3  . CYS A 1 34 ? 0.713   0.034   -0.040  1.00 0.00 ? 34 CYS A HB3  1 
ATOM 588 N N    . TRP A 1 35 ? 0.342   2.501   -2.269  1.00 0.00 ? 35 TRP A N    1 
ATOM 589 C CA   . TRP A 1 35 ? 0.593   2.384   -3.727  1.00 0.00 ? 35 TRP A CA   1 
ATOM 590 C C    . TRP A 1 35 ? 2.062   2.580   -4.032  1.00 0.00 ? 35 TRP A C    1 
ATOM 591 O O    . TRP A 1 35 ? 2.759   3.273   -3.326  1.00 0.00 ? 35 TRP A O    1 
ATOM 592 C CB   . TRP A 1 35 ? -0.214  3.461   -4.467  1.00 0.00 ? 35 TRP A CB   1 
ATOM 593 C CG   . TRP A 1 35 ? 0.689   4.669   -4.754  1.00 0.00 ? 35 TRP A CG   1 
ATOM 594 C CD1  . TRP A 1 35 ? 1.455   4.770   -5.826  1.00 0.00 ? 35 TRP A CD1  1 
ATOM 595 C CD2  . TRP A 1 35 ? 0.774   5.751   -4.004  1.00 0.00 ? 35 TRP A CD2  1 
ATOM 596 N NE1  . TRP A 1 35 ? 2.019   5.980   -5.707  1.00 0.00 ? 35 TRP A NE1  1 
ATOM 597 C CE2  . TRP A 1 35 ? 1.637   6.675   -4.573  1.00 0.00 ? 35 TRP A CE2  1 
ATOM 598 C CE3  . TRP A 1 35 ? 0.147   6.058   -2.806  1.00 0.00 ? 35 TRP A CE3  1 
ATOM 599 C CZ2  . TRP A 1 35 ? 1.864   7.888   -3.958  1.00 0.00 ? 35 TRP A CZ2  1 
ATOM 600 C CZ3  . TRP A 1 35 ? 0.375   7.276   -2.194  1.00 0.00 ? 35 TRP A CZ3  1 
ATOM 601 C CH2  . TRP A 1 35 ? 1.233   8.189   -2.770  1.00 0.00 ? 35 TRP A CH2  1 
ATOM 602 H H    . TRP A 1 35 ? 0.667   3.283   -1.777  1.00 0.00 ? 35 TRP A H    1 
ATOM 603 H HA   . TRP A 1 35 ? 0.310   1.395   -4.056  1.00 0.00 ? 35 TRP A HA   1 
ATOM 604 H HB2  . TRP A 1 35 ? -0.570  3.062   -5.407  1.00 0.00 ? 35 TRP A HB2  1 
ATOM 605 H HB3  . TRP A 1 35 ? -1.056  3.765   -3.874  1.00 0.00 ? 35 TRP A HB3  1 
ATOM 606 H HD1  . TRP A 1 35 ? 1.596   4.047   -6.609  1.00 0.00 ? 35 TRP A HD1  1 
ATOM 607 H HE1  . TRP A 1 35 ? 2.654   6.336   -6.363  1.00 0.00 ? 35 TRP A HE1  1 
ATOM 608 H HE3  . TRP A 1 35 ? -0.497  5.339   -2.334  1.00 0.00 ? 35 TRP A HE3  1 
ATOM 609 H HZ2  . TRP A 1 35 ? 2.536   8.603   -4.408  1.00 0.00 ? 35 TRP A HZ2  1 
ATOM 610 H HZ3  . TRP A 1 35 ? -0.119  7.513   -1.264  1.00 0.00 ? 35 TRP A HZ3  1 
ATOM 611 H HH2  . TRP A 1 35 ? 1.410   9.140   -2.291  1.00 0.00 ? 35 TRP A HH2  1 
ATOM 612 N N    . CYS A 1 36 ? 2.500   1.968   -5.088  1.00 0.00 ? 36 CYS A N    1 
ATOM 613 C CA   . CYS A 1 36 ? 3.934   2.095   -5.472  1.00 0.00 ? 36 CYS A CA   1 
ATOM 614 C C    . CYS A 1 36 ? 4.209   3.353   -6.289  1.00 0.00 ? 36 CYS A C    1 
ATOM 615 O O    . CYS A 1 36 ? 3.734   3.490   -7.392  1.00 0.00 ? 36 CYS A O    1 
ATOM 616 C CB   . CYS A 1 36 ? 4.303   0.887   -6.333  1.00 0.00 ? 36 CYS A CB   1 
ATOM 617 S SG   . CYS A 1 36 ? 5.939   0.147   -6.085  1.00 0.00 ? 36 CYS A SG   1 
ATOM 618 H H    . CYS A 1 36 ? 1.882   1.420   -5.630  1.00 0.00 ? 36 CYS A H    1 
ATOM 619 H HA   . CYS A 1 36 ? 4.537   2.120   -4.576  1.00 0.00 ? 36 CYS A HA   1 
ATOM 620 H HB2  . CYS A 1 36 ? 3.566   0.119   -6.170  1.00 0.00 ? 36 CYS A HB2  1 
ATOM 621 H HB3  . CYS A 1 36 ? 4.235   1.187   -7.360  1.00 0.00 ? 36 CYS A HB3  1 
ATOM 622 N N    . ASN A 1 37 ? 4.991   4.245   -5.738  1.00 0.00 ? 37 ASN A N    1 
ATOM 623 C CA   . ASN A 1 37 ? 5.301   5.490   -6.482  1.00 0.00 ? 37 ASN A CA   1 
ATOM 624 C C    . ASN A 1 37 ? 6.532   5.281   -7.353  1.00 0.00 ? 37 ASN A C    1 
ATOM 625 O O    . ASN A 1 37 ? 6.763   6.009   -8.299  1.00 0.00 ? 37 ASN A O    1 
ATOM 626 C CB   . ASN A 1 37 ? 5.590   6.612   -5.471  1.00 0.00 ? 37 ASN A CB   1 
ATOM 627 C CG   . ASN A 1 37 ? 5.984   7.884   -6.226  1.00 0.00 ? 37 ASN A CG   1 
ATOM 628 O OD1  . ASN A 1 37 ? 5.143   8.644   -6.663  1.00 0.00 ? 37 ASN A OD1  1 
ATOM 629 N ND2  . ASN A 1 37 ? 7.250   8.152   -6.404  1.00 0.00 ? 37 ASN A ND2  1 
ATOM 630 H H    . ASN A 1 37 ? 5.368   4.093   -4.842  1.00 0.00 ? 37 ASN A H    1 
ATOM 631 H HA   . ASN A 1 37 ? 4.453   5.746   -7.119  1.00 0.00 ? 37 ASN A HA   1 
ATOM 632 H HB2  . ASN A 1 37 ? 4.709   6.807   -4.880  1.00 0.00 ? 37 ASN A HB2  1 
ATOM 633 H HB3  . ASN A 1 37 ? 6.400   6.319   -4.819  1.00 0.00 ? 37 ASN A HB3  1 
ATOM 634 H HD21 . ASN A 1 37 ? 7.933   7.541   -6.056  1.00 0.00 ? 37 ASN A HD21 1 
ATOM 635 H HD22 . ASN A 1 37 ? 7.515   8.964   -6.883  1.00 0.00 ? 37 ASN A HD22 1 
ATOM 636 N N    . SER A 1 38 ? 7.298   4.280   -7.015  1.00 0.00 ? 38 SER A N    1 
ATOM 637 C CA   . SER A 1 38 ? 8.522   3.989   -7.799  1.00 0.00 ? 38 SER A CA   1 
ATOM 638 C C    . SER A 1 38 ? 9.157   2.687   -7.329  1.00 0.00 ? 38 SER A C    1 
ATOM 639 O O    . SER A 1 38 ? 9.921   2.069   -8.043  1.00 0.00 ? 38 SER A O    1 
ATOM 640 C CB   . SER A 1 38 ? 9.523   5.133   -7.586  1.00 0.00 ? 38 SER A CB   1 
ATOM 641 O OG   . SER A 1 38 ? 9.826   5.076   -6.200  1.00 0.00 ? 38 SER A OG   1 
ATOM 642 H H    . SER A 1 38 ? 7.065   3.723   -6.243  1.00 0.00 ? 38 SER A H    1 
ATOM 643 H HA   . SER A 1 38 ? 8.256   3.895   -8.852  1.00 0.00 ? 38 SER A HA   1 
ATOM 644 H HB2  . SER A 1 38 ? 10.416  4.973   -8.171  1.00 0.00 ? 38 SER A HB2  1 
ATOM 645 H HB3  . SER A 1 38 ? 9.076   6.084   -7.832  1.00 0.00 ? 38 SER A HB3  1 
ATOM 646 H HG   . SER A 1 38 ? 10.684  4.657   -6.102  1.00 0.00 ? 38 SER A HG   1 
ATOM 647 N N    . GLY A 1 39 ? 8.824   2.290   -6.130  1.00 0.00 ? 39 GLY A N    1 
ATOM 648 C CA   . GLY A 1 39 ? 9.399   1.028   -5.590  1.00 0.00 ? 39 GLY A CA   1 
ATOM 649 C C    . GLY A 1 39 ? 9.544   1.119   -4.068  1.00 0.00 ? 39 GLY A C    1 
ATOM 650 O O    . GLY A 1 39 ? 10.098  0.235   -3.444  1.00 0.00 ? 39 GLY A O    1 
ATOM 651 H H    . GLY A 1 39 ? 8.201   2.820   -5.590  1.00 0.00 ? 39 GLY A H    1 
ATOM 652 H HA2  . GLY A 1 39 ? 8.744   0.204   -5.837  1.00 0.00 ? 39 GLY A HA2  1 
ATOM 653 H HA3  . GLY A 1 39 ? 10.368  0.858   -6.032  1.00 0.00 ? 39 GLY A HA3  1 
ATOM 654 N N    . ARG A 1 40 ? 9.038   2.193   -3.509  1.00 0.00 ? 40 ARG A N    1 
ATOM 655 C CA   . ARG A 1 40 ? 9.131   2.374   -2.032  1.00 0.00 ? 40 ARG A CA   1 
ATOM 656 C C    . ARG A 1 40 ? 7.769   2.187   -1.381  1.00 0.00 ? 40 ARG A C    1 
ATOM 657 O O    . ARG A 1 40 ? 7.596   2.459   -0.209  1.00 0.00 ? 40 ARG A O    1 
ATOM 658 C CB   . ARG A 1 40 ? 9.615   3.809   -1.751  1.00 0.00 ? 40 ARG A CB   1 
ATOM 659 C CG   . ARG A 1 40 ? 8.669   4.806   -2.431  1.00 0.00 ? 40 ARG A CG   1 
ATOM 660 C CD   . ARG A 1 40 ? 9.180   6.229   -2.190  1.00 0.00 ? 40 ARG A CD   1 
ATOM 661 N NE   . ARG A 1 40 ? 10.115  6.604   -3.287  1.00 0.00 ? 40 ARG A NE   1 
ATOM 662 C CZ   . ARG A 1 40 ? 10.369  7.864   -3.510  1.00 0.00 ? 40 ARG A CZ   1 
ATOM 663 N NH1  . ARG A 1 40 ? 9.421   8.622   -3.991  1.00 0.00 ? 40 ARG A NH1  1 
ATOM 664 N NH2  . ARG A 1 40 ? 11.560  8.325   -3.245  1.00 0.00 ? 40 ARG A NH2  1 
ATOM 665 H H    . ARG A 1 40 ? 8.595   2.873   -4.061  1.00 0.00 ? 40 ARG A H    1 
ATOM 666 H HA   . ARG A 1 40 ? 9.826   1.644   -1.621  1.00 0.00 ? 40 ARG A HA   1 
ATOM 667 H HB2  . ARG A 1 40 ? 9.625   3.986   -0.686  1.00 0.00 ? 40 ARG A HB2  1 
ATOM 668 H HB3  . ARG A 1 40 ? 10.615  3.936   -2.140  1.00 0.00 ? 40 ARG A HB3  1 
ATOM 669 H HG2  . ARG A 1 40 ? 8.634   4.607   -3.492  1.00 0.00 ? 40 ARG A HG2  1 
ATOM 670 H HG3  . ARG A 1 40 ? 7.676   4.706   -2.020  1.00 0.00 ? 40 ARG A HG3  1 
ATOM 671 H HD2  . ARG A 1 40 ? 8.350   6.920   -2.177  1.00 0.00 ? 40 ARG A HD2  1 
ATOM 672 H HD3  . ARG A 1 40 ? 9.700   6.277   -1.245  1.00 0.00 ? 40 ARG A HD3  1 
ATOM 673 H HE   . ARG A 1 40 ? 10.535  5.909   -3.838  1.00 0.00 ? 40 ARG A HE   1 
ATOM 674 H HH11 . ARG A 1 40 ? 8.519   8.234   -4.180  1.00 0.00 ? 40 ARG A HH11 1 
ATOM 675 H HH12 . ARG A 1 40 ? 9.596   9.590   -4.167  1.00 0.00 ? 40 ARG A HH12 1 
ATOM 676 H HH21 . ARG A 1 40 ? 12.261  7.716   -2.876  1.00 0.00 ? 40 ARG A HH21 1 
ATOM 677 H HH22 . ARG A 1 40 ? 11.772  9.289   -3.410  1.00 0.00 ? 40 ARG A HH22 1 
ATOM 678 N N    . ALA A 1 41 ? 6.827   1.725   -2.150  1.00 0.00 ? 41 ALA A N    1 
ATOM 679 C CA   . ALA A 1 41 ? 5.473   1.518   -1.591  1.00 0.00 ? 41 ALA A CA   1 
ATOM 680 C C    . ALA A 1 41 ? 5.021   2.756   -0.833  1.00 0.00 ? 41 ALA A C    1 
ATOM 681 O O    . ALA A 1 41 ? 5.195   2.856   0.366   1.00 0.00 ? 41 ALA A O    1 
ATOM 682 C CB   . ALA A 1 41 ? 5.512   0.322   -0.622  1.00 0.00 ? 41 ALA A CB   1 
ATOM 683 H H    . ALA A 1 41 ? 7.012   1.518   -3.090  1.00 0.00 ? 41 ALA A H    1 
ATOM 684 H HA   . ALA A 1 41 ? 4.780   1.333   -2.405  1.00 0.00 ? 41 ALA A HA   1 
ATOM 685 H HB1  . ALA A 1 41 ? 6.207   0.522   0.179   1.00 0.00 ? 41 ALA A HB1  1 
ATOM 686 H HB2  . ALA A 1 41 ? 4.528   0.158   -0.206  1.00 0.00 ? 41 ALA A HB2  1 
ATOM 687 H HB3  . ALA A 1 41 ? 5.825   -0.567  -1.152  1.00 0.00 ? 41 ALA A HB3  1 
ATOM 688 N N    . GLN A 1 42 ? 4.448   3.682   -1.551  1.00 0.00 ? 42 GLN A N    1 
ATOM 689 C CA   . GLN A 1 42 ? 3.976   4.918   -0.902  1.00 0.00 ? 42 GLN A CA   1 
ATOM 690 C C    . GLN A 1 42 ? 2.673   4.630   -0.202  1.00 0.00 ? 42 GLN A C    1 
ATOM 691 O O    . GLN A 1 42 ? 1.961   3.735   -0.602  1.00 0.00 ? 42 GLN A O    1 
ATOM 692 C CB   . GLN A 1 42 ? 3.747   5.967   -1.997  1.00 0.00 ? 42 GLN A CB   1 
ATOM 693 C CG   . GLN A 1 42 ? 4.426   7.273   -1.592  1.00 0.00 ? 42 GLN A CG   1 
ATOM 694 C CD   . GLN A 1 42 ? 3.821   7.772   -0.280  1.00 0.00 ? 42 GLN A CD   1 
ATOM 695 O OE1  . GLN A 1 42 ? 2.637   8.026   -0.186  1.00 0.00 ? 42 GLN A OE1  1 
ATOM 696 N NE2  . GLN A 1 42 ? 4.599   7.926   0.757   1.00 0.00 ? 42 GLN A NE2  1 
ATOM 697 H H    . GLN A 1 42 ? 4.307   3.547   -2.509  1.00 0.00 ? 42 GLN A H    1 
ATOM 698 H HA   . GLN A 1 42 ? 4.715   5.254   -0.176  1.00 0.00 ? 42 GLN A HA   1 
ATOM 699 H HB2  . GLN A 1 42 ? 4.167   5.615   -2.928  1.00 0.00 ? 42 GLN A HB2  1 
ATOM 700 H HB3  . GLN A 1 42 ? 2.692   6.129   -2.127  1.00 0.00 ? 42 GLN A HB3  1 
ATOM 701 H HG2  . GLN A 1 42 ? 5.485   7.106   -1.458  1.00 0.00 ? 42 GLN A HG2  1 
ATOM 702 H HG3  . GLN A 1 42 ? 4.276   8.016   -2.361  1.00 0.00 ? 42 GLN A HG3  1 
ATOM 703 H HE21 . GLN A 1 42 ? 5.555   7.721   0.686   1.00 0.00 ? 42 GLN A HE21 1 
ATOM 704 H HE22 . GLN A 1 42 ? 4.228   8.245   1.605   1.00 0.00 ? 42 GLN A HE22 1 
ATOM 705 N N    . CYS A 1 43 ? 2.354   5.368   0.825   1.00 0.00 ? 43 CYS A N    1 
ATOM 706 C CA   . CYS A 1 43 ? 1.075   5.064   1.494   1.00 0.00 ? 43 CYS A CA   1 
ATOM 707 C C    . CYS A 1 43 ? 0.511   6.214   2.303   1.00 0.00 ? 43 CYS A C    1 
ATOM 708 O O    . CYS A 1 43 ? 1.183   7.178   2.613   1.00 0.00 ? 43 CYS A O    1 
ATOM 709 C CB   . CYS A 1 43 ? 1.305   3.867   2.436   1.00 0.00 ? 43 CYS A CB   1 
ATOM 710 S SG   . CYS A 1 43 ? 2.142   2.414   1.750   1.00 0.00 ? 43 CYS A SG   1 
ATOM 711 H H    . CYS A 1 43 ? 2.936   6.091   1.139   1.00 0.00 ? 43 CYS A H    1 
ATOM 712 H HA   . CYS A 1 43 ? 0.357   4.811   0.737   1.00 0.00 ? 43 CYS A HA   1 
ATOM 713 H HB2  . CYS A 1 43 ? 1.889   4.211   3.277   1.00 0.00 ? 43 CYS A HB2  1 
ATOM 714 H HB3  . CYS A 1 43 ? 0.349   3.546   2.816   1.00 0.00 ? 43 CYS A HB3  1 
ATOM 715 N N    . HIS A 1 44 ? -0.747  6.062   2.623   1.00 0.00 ? 44 HIS A N    1 
ATOM 716 C CA   . HIS A 1 44 ? -1.462  7.086   3.412   1.00 0.00 ? 44 HIS A CA   1 
ATOM 717 C C    . HIS A 1 44 ? -2.716  6.458   3.997   1.00 0.00 ? 44 HIS A C    1 
ATOM 718 O O    . HIS A 1 44 ? -3.074  5.360   3.620   1.00 0.00 ? 44 HIS A O    1 
ATOM 719 C CB   . HIS A 1 44 ? -1.851  8.264   2.494   1.00 0.00 ? 44 HIS A CB   1 
ATOM 720 C CG   . HIS A 1 44 ? -2.782  7.788   1.376   1.00 0.00 ? 44 HIS A CG   1 
ATOM 721 N ND1  . HIS A 1 44 ? -2.419  7.513   0.211   1.00 0.00 ? 44 HIS A ND1  1 
ATOM 722 C CD2  . HIS A 1 44 ? -4.151  7.609   1.387   1.00 0.00 ? 44 HIS A CD2  1 
ATOM 723 C CE1  . HIS A 1 44 ? -3.403  7.183   -0.517  1.00 0.00 ? 44 HIS A CE1  1 
ATOM 724 N NE2  . HIS A 1 44 ? -4.559  7.214   0.148   1.00 0.00 ? 44 HIS A NE2  1 
ATOM 725 H H    . HIS A 1 44 ? -1.223  5.245   2.341   1.00 0.00 ? 44 HIS A H    1 
ATOM 726 H HA   . HIS A 1 44 ? -0.818  7.419   4.228   1.00 0.00 ? 44 HIS A HA   1 
ATOM 727 H HB2  . HIS A 1 44 ? -2.357  9.022   3.072   1.00 0.00 ? 44 HIS A HB2  1 
ATOM 728 H HB3  . HIS A 1 44 ? -0.963  8.687   2.055   1.00 0.00 ? 44 HIS A HB3  1 
ATOM 729 H HD1  . HIS A 1 44 ? -1.492  7.550   -0.100  1.00 0.00 ? 44 HIS A HD1  1 
ATOM 730 H HD2  . HIS A 1 44 ? -4.795  7.760   2.239   1.00 0.00 ? 44 HIS A HD2  1 
ATOM 731 H HE1  . HIS A 1 44 ? -3.316  6.909   -1.560  1.00 0.00 ? 44 HIS A HE1  1 
ATOM 732 N N    . SER A 1 45 ? -3.363  7.151   4.900   1.00 0.00 ? 45 SER A N    1 
ATOM 733 C CA   . SER A 1 45 ? -4.599  6.577   5.507   1.00 0.00 ? 45 SER A CA   1 
ATOM 734 C C    . SER A 1 45 ? -5.780  7.531   5.413   1.00 0.00 ? 45 SER A C    1 
ATOM 735 O O    . SER A 1 45 ? -5.738  8.634   5.919   1.00 0.00 ? 45 SER A O    1 
ATOM 736 C CB   . SER A 1 45 ? -4.317  6.292   6.989   1.00 0.00 ? 45 SER A CB   1 
ATOM 737 O OG   . SER A 1 45 ? -5.179  5.205   7.302   1.00 0.00 ? 45 SER A OG   1 
ATOM 738 H H    . SER A 1 45 ? -3.041  8.035   5.174   1.00 0.00 ? 45 SER A H    1 
ATOM 739 H HA   . SER A 1 45 ? -4.859  5.658   4.989   1.00 0.00 ? 45 SER A HA   1 
ATOM 740 H HB2  . SER A 1 45 ? -3.286  6.004   7.133   1.00 0.00 ? 45 SER A HB2  1 
ATOM 741 H HB3  . SER A 1 45 ? -4.560  7.148   7.598   1.00 0.00 ? 45 SER A HB3  1 
ATOM 742 H HG   . SER A 1 45 ? -6.084  5.518   7.246   1.00 0.00 ? 45 SER A HG   1 
ATOM 743 N N    . VAL A 1 46 ? -6.813  7.071   4.753   1.00 0.00 ? 46 VAL A N    1 
ATOM 744 C CA   . VAL A 1 46 ? -8.034  7.897   4.589   1.00 0.00 ? 46 VAL A CA   1 
ATOM 745 C C    . VAL A 1 46 ? -9.227  7.165   5.262   1.00 0.00 ? 46 VAL A C    1 
ATOM 746 O O    . VAL A 1 46 ? -9.616  6.110   4.804   1.00 0.00 ? 46 VAL A O    1 
ATOM 747 C CB   . VAL A 1 46 ? -8.331  8.016   3.082   1.00 0.00 ? 46 VAL A CB   1 
ATOM 748 C CG1  . VAL A 1 46 ? -9.803  8.387   2.887   1.00 0.00 ? 46 VAL A CG1  1 
ATOM 749 C CG2  . VAL A 1 46 ? -7.453  9.114   2.476   1.00 0.00 ? 46 VAL A CG2  1 
ATOM 750 H H    . VAL A 1 46 ? -6.776  6.175   4.359   1.00 0.00 ? 46 VAL A H    1 
ATOM 751 H HA   . VAL A 1 46 ? -7.868  8.865   5.028   1.00 0.00 ? 46 VAL A HA   1 
ATOM 752 H HB   . VAL A 1 46 ? -8.124  7.074   2.594   1.00 0.00 ? 46 VAL A HB   1 
ATOM 753 H HG11 . VAL A 1 46 ? -10.124 9.041   3.685   1.00 0.00 ? 46 VAL A HG11 1 
ATOM 754 H HG12 . VAL A 1 46 ? -9.932  8.892   1.943   1.00 0.00 ? 46 VAL A HG12 1 
ATOM 755 H HG13 . VAL A 1 46 ? -10.409 7.492   2.897   1.00 0.00 ? 46 VAL A HG13 1 
ATOM 756 H HG21 . VAL A 1 46 ? -6.525  9.185   3.025   1.00 0.00 ? 46 VAL A HG21 1 
ATOM 757 H HG22 . VAL A 1 46 ? -7.238  8.882   1.442   1.00 0.00 ? 46 VAL A HG22 1 
ATOM 758 H HG23 . VAL A 1 46 ? -7.968  10.063  2.527   1.00 0.00 ? 46 VAL A HG23 1 
ATOM 759 N N    . PRO A 1 47 ? -9.806  7.720   6.343   1.00 0.00 ? 47 PRO A N    1 
ATOM 760 C CA   . PRO A 1 47 ? -10.927 7.054   6.997   1.00 0.00 ? 47 PRO A CA   1 
ATOM 761 C C    . PRO A 1 47 ? -12.113 6.903   6.059   1.00 0.00 ? 47 PRO A C    1 
ATOM 762 O O    . PRO A 1 47 ? -12.095 7.382   4.943   1.00 0.00 ? 47 PRO A O    1 
ATOM 763 C CB   . PRO A 1 47 ? -11.316 7.967   8.172   1.00 0.00 ? 47 PRO A CB   1 
ATOM 764 C CG   . PRO A 1 47 ? -10.362 9.198   8.142   1.00 0.00 ? 47 PRO A CG   1 
ATOM 765 C CD   . PRO A 1 47 ? -9.410  9.010   6.949   1.00 0.00 ? 47 PRO A CD   1 
ATOM 766 H HA   . PRO A 1 47 ? -10.612 6.076   7.352   1.00 0.00 ? 47 PRO A HA   1 
ATOM 767 H HB2  . PRO A 1 47 ? -12.342 8.285   8.064   1.00 0.00 ? 47 PRO A HB2  1 
ATOM 768 H HB3  . PRO A 1 47 ? -11.201 7.435   9.105   1.00 0.00 ? 47 PRO A HB3  1 
ATOM 769 H HG2  . PRO A 1 47 ? -10.935 10.105  8.018   1.00 0.00 ? 47 PRO A HG2  1 
ATOM 770 H HG3  . PRO A 1 47 ? -9.798  9.251   9.060   1.00 0.00 ? 47 PRO A HG3  1 
ATOM 771 H HD2  . PRO A 1 47 ? -9.543  9.814   6.239   1.00 0.00 ? 47 PRO A HD2  1 
ATOM 772 H HD3  . PRO A 1 47 ? -8.385  8.968   7.285   1.00 0.00 ? 47 PRO A HD3  1 
ATOM 773 N N    . VAL A 1 48 ? -13.127 6.239   6.533   1.00 0.00 ? 48 VAL A N    1 
ATOM 774 C CA   . VAL A 1 48 ? -14.332 6.040   5.690   1.00 0.00 ? 48 VAL A CA   1 
ATOM 775 C C    . VAL A 1 48 ? -15.217 7.282   5.700   1.00 0.00 ? 48 VAL A C    1 
ATOM 776 O O    . VAL A 1 48 ? -15.907 7.562   4.740   1.00 0.00 ? 48 VAL A O    1 
ATOM 777 C CB   . VAL A 1 48 ? -15.129 4.861   6.261   1.00 0.00 ? 48 VAL A CB   1 
ATOM 778 C CG1  . VAL A 1 48 ? -15.769 5.278   7.587   1.00 0.00 ? 48 VAL A CG1  1 
ATOM 779 C CG2  . VAL A 1 48 ? -16.231 4.471   5.272   1.00 0.00 ? 48 VAL A CG2  1 
ATOM 780 H H    . VAL A 1 48 ? -13.091 5.871   7.444   1.00 0.00 ? 48 VAL A H    1 
ATOM 781 H HA   . VAL A 1 48 ? -14.018 5.834   4.668   1.00 0.00 ? 48 VAL A HA   1 
ATOM 782 H HB   . VAL A 1 48 ? -14.471 4.024   6.421   1.00 0.00 ? 48 VAL A HB   1 
ATOM 783 H HG11 . VAL A 1 48 ? -15.088 5.910   8.138   1.00 0.00 ? 48 VAL A HG11 1 
ATOM 784 H HG12 . VAL A 1 48 ? -16.683 5.823   7.396   1.00 0.00 ? 48 VAL A HG12 1 
ATOM 785 H HG13 . VAL A 1 48 ? -15.993 4.401   8.175   1.00 0.00 ? 48 VAL A HG13 1 
ATOM 786 H HG21 . VAL A 1 48 ? -16.839 5.334   5.045   1.00 0.00 ? 48 VAL A HG21 1 
ATOM 787 H HG22 . VAL A 1 48 ? -15.787 4.099   4.361   1.00 0.00 ? 48 VAL A HG22 1 
ATOM 788 H HG23 . VAL A 1 48 ? -16.853 3.702   5.703   1.00 0.00 ? 48 VAL A HG23 1 
ATOM 789 N N    . LYS A 1 49 ? -15.182 8.004   6.786   1.00 0.00 ? 49 LYS A N    1 
ATOM 790 C CA   . LYS A 1 49 ? -16.014 9.229   6.874   1.00 0.00 ? 49 LYS A CA   1 
ATOM 791 C C    . LYS A 1 49 ? -15.474 10.322  5.959   1.00 0.00 ? 49 LYS A C    1 
ATOM 792 O O    . LYS A 1 49 ? -14.382 10.816  6.156   1.00 0.00 ? 49 LYS A O    1 
ATOM 793 C CB   . LYS A 1 49 ? -15.976 9.736   8.325   1.00 0.00 ? 49 LYS A CB   1 
ATOM 794 C CG   . LYS A 1 49 ? -17.248 9.285   9.048   1.00 0.00 ? 49 LYS A CG   1 
ATOM 795 C CD   . LYS A 1 49 ? -17.079 9.515   10.551  1.00 0.00 ? 49 LYS A CD   1 
ATOM 796 C CE   . LYS A 1 49 ? -18.459 9.583   11.208  1.00 0.00 ? 49 LYS A CE   1 
ATOM 797 N NZ   . LYS A 1 49 ? -18.345 9.380   12.680  1.00 0.00 ? 49 LYS A NZ   1 
ATOM 798 H H    . LYS A 1 49 ? -14.611 7.739   7.537   1.00 0.00 ? 49 LYS A H    1 
ATOM 799 H HA   . LYS A 1 49 ? -17.034 8.988   6.575   1.00 0.00 ? 49 LYS A HA   1 
ATOM 800 H HB2  . LYS A 1 49 ? -15.111 9.330   8.828   1.00 0.00 ? 49 LYS A HB2  1 
ATOM 801 H HB3  . LYS A 1 49 ? -15.917 10.815  8.332   1.00 0.00 ? 49 LYS A HB3  1 
ATOM 802 H HG2  . LYS A 1 49 ? -18.092 9.852   8.685   1.00 0.00 ? 49 LYS A HG2  1 
ATOM 803 H HG3  . LYS A 1 49 ? -17.419 8.235   8.859   1.00 0.00 ? 49 LYS A HG3  1 
ATOM 804 H HD2  . LYS A 1 49 ? -16.510 8.704   10.981  1.00 0.00 ? 49 LYS A HD2  1 
ATOM 805 H HD3  . LYS A 1 49 ? -16.553 10.444  10.719  1.00 0.00 ? 49 LYS A HD3  1 
ATOM 806 H HE2  . LYS A 1 49 ? -18.903 10.548  11.019  1.00 0.00 ? 49 LYS A HE2  1 
ATOM 807 H HE3  . LYS A 1 49 ? -19.096 8.815   10.794  1.00 0.00 ? 49 LYS A HE3  1 
ATOM 808 H HZ1  . LYS A 1 49 ? -17.578 8.708   12.878  1.00 0.00 ? 49 LYS A HZ1  1 
ATOM 809 H HZ2  . LYS A 1 49 ? -18.136 10.289  13.139  1.00 0.00 ? 49 LYS A HZ2  1 
ATOM 810 H HZ3  . LYS A 1 49 ? -19.242 9.004   13.048  1.00 0.00 ? 49 LYS A HZ3  1 
ATOM 811 N N    . SER A 1 50 ? -16.251 10.682  4.974   1.00 0.00 ? 50 SER A N    1 
ATOM 812 C CA   . SER A 1 50 ? -15.797 11.741  4.039   1.00 0.00 ? 50 SER A CA   1 
ATOM 813 C C    . SER A 1 50 ? -16.982 12.510  3.471   1.00 0.00 ? 50 SER A C    1 
ATOM 814 O O    . SER A 1 50 ? -17.802 11.859  2.842   1.00 0.00 ? 50 SER A O    1 
ATOM 815 C CB   . SER A 1 50 ? -15.041 11.072  2.880   1.00 0.00 ? 50 SER A CB   1 
ATOM 816 O OG   . SER A 1 50 ? -13.981 11.972  2.594   1.00 0.00 ? 50 SER A OG   1 
ATOM 817 O OXT  . SER A 1 50 ? -17.005 13.710  3.693   1.00 0.00 ? 50 SER A OXT  1 
ATOM 818 H H    . SER A 1 50 ? -17.126 10.257  4.853   1.00 0.00 ? 50 SER A H    1 
ATOM 819 H HA   . SER A 1 50 ? -15.149 12.433  4.575   1.00 0.00 ? 50 SER A HA   1 
ATOM 820 H HB2  . SER A 1 50 ? -14.647 10.114  3.183   1.00 0.00 ? 50 SER A HB2  1 
ATOM 821 H HB3  . SER A 1 50 ? -15.682 10.962  2.019   1.00 0.00 ? 50 SER A HB3  1 
ATOM 822 H HG   . SER A 1 50 ? -14.326 12.666  2.027   1.00 0.00 ? 50 SER A HG   1 
# 
